data_2HK1
#
_entry.id   2HK1
#
_cell.length_a   103.900
_cell.length_b   113.500
_cell.length_c   133.800
_cell.angle_alpha   90.00
_cell.angle_beta   90.00
_cell.angle_gamma   90.00
#
_symmetry.space_group_name_H-M   'P 21 21 21'
#
loop_
_entity.id
_entity.type
_entity.pdbx_description
1 polymer 'D-PSICOSE 3-EPIMERASE'
2 non-polymer D-fructose
3 non-polymer 'MANGANESE (II) ION'
4 water water
#
_entity_poly.entity_id   1
_entity_poly.type   'polypeptide(L)'
_entity_poly.pdbx_seq_one_letter_code
;(MSE)GSSHHHHHSSGENLYFQGH(MSE)KHGIYYSYWEHEWSAKFGPYIEKVAKLGFDIIEVAAHHINEYSDAELATIR
KSAKDNGIILTAGIGPSKTKNLSSEDAAVRAAGKAFFERTLSNVAKLDIHTIGGALHSYWPIDYSQPVDKAGDYARGVEG
INGIADFANDLGINLCIEVLNRFENHVLNTAAEGVAFVKDVGKNNVKV(MSE)LDTFH(MSE)NIEEDSFGDAIRTAGPL
LGHFHTGESNRRVPGKGR(MSE)PWHEIGLALRDINYTGAVI(MSE)EPFVKTGGTIGSDIKVWRDLSGGADIAK(MSE)
DEDARNALAFSRFVLGG
;
_entity_poly.pdbx_strand_id   A,B,C,D
#
# COMPACT_ATOMS: atom_id res chain seq x y z
N LYS A 22 11.97 -1.29 22.78
CA LYS A 22 10.90 -1.09 23.75
C LYS A 22 9.69 -0.25 23.32
N HIS A 23 8.52 -0.58 23.89
CA HIS A 23 7.27 0.09 23.59
C HIS A 23 6.64 0.93 24.69
N GLY A 24 6.16 2.11 24.30
CA GLY A 24 5.52 3.00 25.24
C GLY A 24 4.36 3.78 24.65
N ILE A 25 3.72 4.59 25.49
CA ILE A 25 2.61 5.44 25.09
C ILE A 25 2.70 6.78 25.82
N TYR A 26 2.26 7.84 25.16
CA TYR A 26 2.27 9.18 25.73
C TYR A 26 1.02 9.25 26.62
N TYR A 27 1.19 9.47 27.92
CA TYR A 27 0.02 9.47 28.80
C TYR A 27 -1.11 10.43 28.42
N SER A 28 -0.77 11.53 27.76
CA SER A 28 -1.75 12.53 27.33
C SER A 28 -2.91 11.93 26.57
N TYR A 29 -2.74 10.69 26.12
CA TYR A 29 -3.76 9.95 25.39
C TYR A 29 -5.11 9.99 26.14
N TRP A 30 -5.04 9.77 27.45
CA TRP A 30 -6.22 9.74 28.32
C TRP A 30 -6.62 11.10 28.89
N GLU A 31 -5.88 12.15 28.55
CA GLU A 31 -6.19 13.46 29.10
C GLU A 31 -6.60 14.53 28.10
N HIS A 32 -6.74 15.76 28.59
CA HIS A 32 -7.15 16.89 27.77
C HIS A 32 -6.28 18.10 27.98
N GLU A 33 -5.47 18.07 29.04
CA GLU A 33 -4.58 19.19 29.34
C GLU A 33 -3.14 18.73 29.46
N TRP A 34 -2.21 19.55 29.00
CA TRP A 34 -0.80 19.20 29.08
C TRP A 34 -0.38 19.23 30.54
N SER A 35 -1.19 19.89 31.35
CA SER A 35 -0.90 20.03 32.77
C SER A 35 -1.58 18.97 33.66
N ALA A 36 -2.04 17.86 33.10
CA ALA A 36 -2.64 16.81 33.94
C ALA A 36 -1.46 16.05 34.57
N LYS A 37 -1.52 15.78 35.87
CA LYS A 37 -0.43 15.06 36.57
C LYS A 37 -0.29 13.65 35.97
N PHE A 38 0.94 13.20 35.75
CA PHE A 38 1.15 11.87 35.17
C PHE A 38 1.47 10.75 36.16
N GLY A 39 1.77 11.13 37.39
CA GLY A 39 2.11 10.11 38.38
C GLY A 39 1.15 8.95 38.48
N PRO A 40 -0.16 9.21 38.48
CA PRO A 40 -1.15 8.11 38.59
C PRO A 40 -1.13 7.16 37.38
N TYR A 41 -0.76 7.69 36.22
CA TYR A 41 -0.71 6.88 35.02
C TYR A 41 0.45 5.87 35.01
N ILE A 42 1.51 6.15 35.78
CA ILE A 42 2.67 5.26 35.85
C ILE A 42 2.23 3.82 36.11
N GLU A 43 1.34 3.65 37.07
CA GLU A 43 0.86 2.32 37.43
C GLU A 43 -0.06 1.76 36.34
N LYS A 44 -1.03 2.56 35.92
CA LYS A 44 -1.99 2.16 34.89
C LYS A 44 -1.31 1.66 33.61
N VAL A 45 -0.43 2.49 33.05
CA VAL A 45 0.25 2.15 31.82
C VAL A 45 1.07 0.88 32.01
N ALA A 46 1.67 0.72 33.19
CA ALA A 46 2.48 -0.45 33.47
C ALA A 46 1.59 -1.70 33.44
N LYS A 47 0.39 -1.55 34.01
CA LYS A 47 -0.59 -2.62 34.07
C LYS A 47 -1.11 -2.98 32.67
N LEU A 48 -1.09 -2.00 31.76
CA LEU A 48 -1.54 -2.23 30.39
C LEU A 48 -0.53 -3.04 29.61
N GLY A 49 0.68 -3.13 30.13
CA GLY A 49 1.70 -3.94 29.47
C GLY A 49 2.88 -3.22 28.83
N PHE A 50 2.88 -1.90 28.84
CA PHE A 50 3.96 -1.14 28.23
C PHE A 50 5.31 -1.22 28.94
N ASP A 51 6.38 -1.05 28.19
CA ASP A 51 7.72 -1.06 28.75
C ASP A 51 8.00 0.38 29.18
N ILE A 52 7.33 1.32 28.53
CA ILE A 52 7.57 2.72 28.79
C ILE A 52 6.32 3.56 28.82
N ILE A 53 6.36 4.63 29.61
CA ILE A 53 5.28 5.60 29.62
C ILE A 53 6.04 6.88 29.32
N GLU A 54 5.59 7.62 28.31
CA GLU A 54 6.22 8.88 27.97
C GLU A 54 5.48 9.98 28.71
N VAL A 55 6.27 10.81 29.36
CA VAL A 55 5.76 11.89 30.18
C VAL A 55 6.02 13.26 29.54
N ALA A 56 5.23 14.25 29.95
CA ALA A 56 5.40 15.60 29.45
C ALA A 56 6.26 16.37 30.47
N ALA A 57 7.31 17.02 30.00
CA ALA A 57 8.20 17.75 30.88
C ALA A 57 7.60 19.07 31.33
N HIS A 58 6.30 19.22 31.12
CA HIS A 58 5.56 20.43 31.51
C HIS A 58 5.73 20.68 33.02
N HIS A 59 4.99 19.92 33.82
CA HIS A 59 5.07 20.07 35.26
C HIS A 59 6.52 19.98 35.71
N ILE A 60 6.99 18.75 35.85
CA ILE A 60 8.35 18.43 36.27
C ILE A 60 9.14 19.51 37.00
N ASN A 61 9.32 20.69 36.40
CA ASN A 61 10.07 21.75 37.07
C ASN A 61 9.34 22.37 38.26
N GLU A 62 8.10 21.95 38.50
CA GLU A 62 7.32 22.50 39.61
C GLU A 62 7.20 21.51 40.75
N TYR A 63 7.59 20.26 40.49
CA TYR A 63 7.54 19.24 41.53
C TYR A 63 8.70 19.45 42.47
N SER A 64 8.49 19.07 43.73
CA SER A 64 9.51 19.19 44.74
C SER A 64 10.39 17.96 44.62
N ASP A 65 11.60 18.02 45.15
CA ASP A 65 12.51 16.88 45.09
C ASP A 65 11.85 15.61 45.65
N ALA A 66 11.02 15.77 46.68
CA ALA A 66 10.33 14.65 47.31
C ALA A 66 9.31 14.02 46.38
N GLU A 67 8.47 14.85 45.77
CA GLU A 67 7.48 14.35 44.84
C GLU A 67 8.15 13.53 43.74
N LEU A 68 9.14 14.12 43.08
CA LEU A 68 9.90 13.45 42.01
C LEU A 68 10.40 12.08 42.43
N ALA A 69 10.91 11.98 43.66
CA ALA A 69 11.41 10.71 44.18
C ALA A 69 10.29 9.68 44.29
N THR A 70 9.09 10.14 44.65
CA THR A 70 7.90 9.30 44.81
C THR A 70 7.53 8.71 43.44
N ILE A 71 7.56 9.59 42.44
CA ILE A 71 7.27 9.26 41.05
C ILE A 71 8.30 8.26 40.55
N ARG A 72 9.57 8.54 40.84
CA ARG A 72 10.63 7.64 40.45
C ARG A 72 10.41 6.25 41.07
N LYS A 73 10.13 6.22 42.39
CA LYS A 73 9.90 4.94 43.05
C LYS A 73 8.67 4.22 42.48
N SER A 74 7.65 4.98 42.11
CA SER A 74 6.44 4.39 41.55
C SER A 74 6.79 3.62 40.25
N ALA A 75 7.63 4.24 39.42
CA ALA A 75 8.07 3.64 38.15
C ALA A 75 8.86 2.37 38.45
N LYS A 76 9.69 2.44 39.48
CA LYS A 76 10.48 1.28 39.88
C LYS A 76 9.57 0.13 40.33
N ASP A 77 8.71 0.40 41.30
CA ASP A 77 7.79 -0.62 41.81
C ASP A 77 6.94 -1.28 40.74
N ASN A 78 6.59 -0.51 39.70
CA ASN A 78 5.76 -1.01 38.61
C ASN A 78 6.57 -1.49 37.43
N GLY A 79 7.90 -1.50 37.59
CA GLY A 79 8.80 -1.96 36.54
C GLY A 79 8.54 -1.40 35.15
N ILE A 80 8.55 -0.09 35.05
CA ILE A 80 8.30 0.57 33.78
C ILE A 80 9.33 1.70 33.65
N ILE A 81 9.67 2.04 32.42
CA ILE A 81 10.66 3.06 32.14
C ILE A 81 9.96 4.35 31.76
N LEU A 82 10.56 5.48 32.12
CA LEU A 82 9.98 6.77 31.78
C LEU A 82 10.80 7.46 30.70
N THR A 83 10.08 8.17 29.83
CA THR A 83 10.65 8.93 28.73
C THR A 83 9.91 10.26 28.78
N ALA A 84 10.48 11.31 28.18
CA ALA A 84 9.82 12.61 28.21
C ALA A 84 9.75 13.31 26.86
N GLY A 85 8.67 14.06 26.68
CA GLY A 85 8.45 14.85 25.48
C GLY A 85 8.41 16.28 25.98
N ILE A 86 8.99 17.19 25.20
CA ILE A 86 9.03 18.62 25.56
C ILE A 86 8.63 19.54 24.42
N GLY A 87 7.90 20.59 24.76
CA GLY A 87 7.48 21.58 23.77
C GLY A 87 7.86 22.96 24.27
N PRO A 88 9.05 23.46 23.89
CA PRO A 88 9.54 24.79 24.30
C PRO A 88 8.54 25.89 23.97
N SER A 89 8.40 26.85 24.88
CA SER A 89 7.48 27.97 24.68
C SER A 89 8.12 29.05 23.81
N LYS A 90 7.28 29.97 23.33
CA LYS A 90 7.75 31.07 22.48
C LYS A 90 8.73 31.93 23.25
N THR A 91 8.62 31.91 24.57
CA THR A 91 9.47 32.72 25.42
C THR A 91 10.69 32.01 25.96
N LYS A 92 10.72 30.70 25.87
CA LYS A 92 11.88 29.97 26.37
C LYS A 92 12.43 28.94 25.39
N ASN A 93 12.60 29.34 24.13
CA ASN A 93 13.13 28.44 23.12
C ASN A 93 14.59 28.76 22.84
N LEU A 94 15.24 27.94 22.02
CA LEU A 94 16.64 28.17 21.70
C LEU A 94 16.91 28.74 20.31
N SER A 95 15.88 28.79 19.47
CA SER A 95 16.02 29.30 18.10
C SER A 95 15.68 30.79 17.92
N SER A 96 15.14 31.41 18.97
CA SER A 96 14.72 32.80 18.93
C SER A 96 15.76 33.83 18.58
N GLU A 97 15.30 34.87 17.89
CA GLU A 97 16.15 35.97 17.44
C GLU A 97 16.56 36.84 18.62
N ASP A 98 15.71 36.92 19.63
CA ASP A 98 15.98 37.69 20.83
C ASP A 98 16.97 36.93 21.71
N ALA A 99 18.11 37.54 22.01
CA ALA A 99 19.12 36.90 22.84
C ALA A 99 18.60 36.57 24.25
N ALA A 100 17.66 37.37 24.74
CA ALA A 100 17.06 37.15 26.06
C ALA A 100 16.30 35.82 26.07
N VAL A 101 15.50 35.59 25.04
CA VAL A 101 14.74 34.35 24.95
C VAL A 101 15.69 33.15 24.88
N ARG A 102 16.75 33.24 24.09
CA ARG A 102 17.67 32.11 24.02
C ARG A 102 18.30 31.84 25.37
N ALA A 103 18.60 32.89 26.12
CA ALA A 103 19.17 32.75 27.46
C ALA A 103 18.14 32.10 28.41
N ALA A 104 16.89 32.56 28.36
CA ALA A 104 15.86 31.97 29.21
C ALA A 104 15.68 30.50 28.77
N GLY A 105 15.77 30.26 27.46
CA GLY A 105 15.63 28.91 26.94
C GLY A 105 16.69 27.97 27.47
N LYS A 106 17.94 28.41 27.41
CA LYS A 106 19.04 27.59 27.90
C LYS A 106 18.88 27.34 29.39
N ALA A 107 18.42 28.36 30.13
CA ALA A 107 18.21 28.24 31.58
C ALA A 107 17.11 27.23 31.82
N PHE A 108 16.07 27.31 31.01
CA PHE A 108 14.93 26.40 31.10
C PHE A 108 15.35 24.95 30.83
N PHE A 109 16.14 24.72 29.79
CA PHE A 109 16.57 23.39 29.46
C PHE A 109 17.46 22.74 30.53
N GLU A 110 18.39 23.52 31.08
CA GLU A 110 19.27 22.98 32.14
C GLU A 110 18.43 22.60 33.36
N ARG A 111 17.45 23.44 33.68
CA ARG A 111 16.57 23.17 34.80
C ARG A 111 15.77 21.88 34.56
N THR A 112 15.12 21.83 33.40
CA THR A 112 14.31 20.68 33.01
C THR A 112 15.16 19.42 32.96
N LEU A 113 16.32 19.52 32.33
CA LEU A 113 17.22 18.37 32.24
C LEU A 113 17.57 17.80 33.62
N SER A 114 17.88 18.67 34.56
CA SER A 114 18.24 18.21 35.91
C SER A 114 17.11 17.45 36.55
N ASN A 115 15.89 17.99 36.47
CA ASN A 115 14.75 17.31 37.07
C ASN A 115 14.35 16.04 36.34
N VAL A 116 14.57 16.00 35.03
CA VAL A 116 14.26 14.81 34.27
C VAL A 116 15.21 13.72 34.77
N ALA A 117 16.44 14.11 35.08
CA ALA A 117 17.44 13.17 35.55
C ALA A 117 17.05 12.59 36.91
N LYS A 118 16.35 13.36 37.73
CA LYS A 118 15.93 12.86 39.04
C LYS A 118 14.88 11.77 38.90
N LEU A 119 14.17 11.74 37.77
CA LEU A 119 13.16 10.72 37.53
C LEU A 119 13.75 9.52 36.77
N ASP A 120 15.06 9.58 36.55
CA ASP A 120 15.82 8.58 35.82
C ASP A 120 15.33 8.42 34.39
N ILE A 121 15.18 9.57 33.73
CA ILE A 121 14.77 9.65 32.34
C ILE A 121 16.06 9.96 31.61
N HIS A 122 16.32 9.19 30.55
CA HIS A 122 17.53 9.34 29.76
C HIS A 122 17.28 9.77 28.32
N THR A 123 16.01 9.86 27.95
CA THR A 123 15.61 10.26 26.60
C THR A 123 14.59 11.39 26.62
N ILE A 124 14.98 12.51 26.02
CA ILE A 124 14.17 13.71 25.91
C ILE A 124 13.91 13.99 24.44
N GLY A 125 12.66 14.17 24.05
CA GLY A 125 12.37 14.41 22.64
C GLY A 125 11.34 15.49 22.40
N GLY A 126 11.27 15.97 21.16
CA GLY A 126 10.32 17.02 20.82
C GLY A 126 10.98 18.01 19.89
N ALA A 127 10.35 19.15 19.66
CA ALA A 127 10.94 20.14 18.78
C ALA A 127 11.89 20.99 19.63
N LEU A 128 12.93 20.36 20.18
CA LEU A 128 13.88 21.03 21.04
C LEU A 128 14.63 22.20 20.37
N HIS A 129 14.81 22.11 19.06
CA HIS A 129 15.48 23.14 18.26
C HIS A 129 14.65 24.42 18.09
N SER A 130 13.38 24.39 18.47
CA SER A 130 12.58 25.59 18.31
C SER A 130 11.48 25.64 19.37
N TYR A 131 10.23 25.94 19.01
CA TYR A 131 9.19 25.96 20.02
C TYR A 131 7.89 25.40 19.44
N TRP A 132 6.99 24.95 20.31
CA TRP A 132 5.74 24.33 19.90
C TRP A 132 4.60 24.73 20.85
N PRO A 133 3.41 25.04 20.31
CA PRO A 133 3.10 25.06 18.87
C PRO A 133 3.70 26.30 18.22
N ILE A 134 4.13 26.17 16.97
CA ILE A 134 4.75 27.27 16.23
C ILE A 134 3.70 28.33 15.89
N ASP A 135 4.13 29.57 15.74
CA ASP A 135 3.17 30.63 15.45
C ASP A 135 3.45 31.31 14.11
N TYR A 136 2.70 30.94 13.09
CA TYR A 136 2.91 31.53 11.78
C TYR A 136 2.20 32.87 11.59
N SER A 137 1.75 33.45 12.70
CA SER A 137 1.06 34.74 12.65
C SER A 137 1.99 35.72 11.98
N GLN A 138 3.26 35.68 12.39
CA GLN A 138 4.29 36.56 11.86
C GLN A 138 5.25 35.84 10.88
N PRO A 139 5.93 36.63 10.01
CA PRO A 139 6.88 36.10 9.02
C PRO A 139 7.85 35.10 9.64
N VAL A 140 8.36 34.21 8.79
CA VAL A 140 9.24 33.16 9.24
C VAL A 140 10.68 33.27 8.74
N ASP A 141 11.61 33.05 9.65
CA ASP A 141 13.02 33.10 9.33
C ASP A 141 13.61 31.71 9.57
N LYS A 142 13.63 30.91 8.50
CA LYS A 142 14.12 29.55 8.56
C LYS A 142 15.62 29.41 8.69
N ALA A 143 16.37 30.13 7.86
CA ALA A 143 17.83 30.03 7.90
C ALA A 143 18.35 30.48 9.26
N GLY A 144 17.82 31.60 9.72
CA GLY A 144 18.23 32.12 11.02
C GLY A 144 17.90 31.18 12.17
N ASP A 145 16.66 30.73 12.24
CA ASP A 145 16.28 29.81 13.31
C ASP A 145 17.10 28.53 13.22
N TYR A 146 17.37 28.06 12.00
CA TYR A 146 18.16 26.85 11.85
C TYR A 146 19.48 27.02 12.59
N ALA A 147 20.26 27.98 12.09
CA ALA A 147 21.57 28.34 12.64
C ALA A 147 21.54 28.50 14.16
N ARG A 148 20.62 29.29 14.69
CA ARG A 148 20.53 29.50 16.14
C ARG A 148 20.16 28.21 16.90
N GLY A 149 19.32 27.37 16.29
CA GLY A 149 18.90 26.13 16.92
C GLY A 149 20.08 25.21 17.07
N VAL A 150 20.87 25.12 16.01
CA VAL A 150 22.05 24.27 15.99
C VAL A 150 22.97 24.71 17.12
N GLU A 151 23.24 26.00 17.23
CA GLU A 151 24.10 26.47 18.31
C GLU A 151 23.47 26.26 19.69
N GLY A 152 22.19 26.58 19.81
CA GLY A 152 21.48 26.40 21.08
C GLY A 152 21.50 24.96 21.56
N ILE A 153 21.30 24.01 20.66
CA ILE A 153 21.34 22.59 21.05
C ILE A 153 22.77 22.19 21.38
N ASN A 154 23.70 22.65 20.56
CA ASN A 154 25.09 22.33 20.79
C ASN A 154 25.42 22.85 22.18
N GLY A 155 24.85 24.00 22.51
CA GLY A 155 25.09 24.63 23.80
C GLY A 155 24.62 23.92 25.05
N ILE A 156 23.59 23.08 24.95
CA ILE A 156 23.11 22.39 26.14
C ILE A 156 23.43 20.91 26.12
N ALA A 157 24.02 20.45 25.01
CA ALA A 157 24.32 19.04 24.87
C ALA A 157 25.19 18.43 25.98
N ASP A 158 26.28 19.08 26.35
CA ASP A 158 27.14 18.52 27.40
C ASP A 158 26.44 18.44 28.75
N PHE A 159 25.64 19.45 29.08
CA PHE A 159 24.91 19.43 30.34
C PHE A 159 24.07 18.15 30.36
N ALA A 160 23.36 17.88 29.27
CA ALA A 160 22.52 16.68 29.18
C ALA A 160 23.37 15.42 29.23
N ASN A 161 24.50 15.46 28.54
CA ASN A 161 25.36 14.28 28.51
C ASN A 161 25.89 13.89 29.90
N ASP A 162 26.20 14.88 30.73
CA ASP A 162 26.68 14.57 32.09
C ASP A 162 25.62 13.81 32.86
N LEU A 163 24.36 14.08 32.55
CA LEU A 163 23.24 13.42 33.20
C LEU A 163 22.88 12.10 32.50
N GLY A 164 23.55 11.81 31.38
CA GLY A 164 23.30 10.58 30.64
C GLY A 164 22.00 10.63 29.86
N ILE A 165 21.66 11.84 29.40
CA ILE A 165 20.44 12.10 28.66
C ILE A 165 20.68 12.40 27.19
N ASN A 166 19.89 11.76 26.32
CA ASN A 166 19.99 12.02 24.89
C ASN A 166 18.89 12.98 24.49
N LEU A 167 19.25 13.98 23.69
CA LEU A 167 18.31 14.96 23.19
C LEU A 167 17.95 14.51 21.77
N CYS A 168 16.69 14.18 21.55
CA CYS A 168 16.24 13.72 20.24
C CYS A 168 15.40 14.79 19.57
N ILE A 169 15.92 15.31 18.47
CA ILE A 169 15.29 16.38 17.70
C ILE A 169 14.17 15.86 16.78
N GLU A 170 12.93 16.25 17.08
CA GLU A 170 11.79 15.77 16.31
C GLU A 170 11.49 16.46 15.00
N VAL A 171 11.38 15.67 13.96
CA VAL A 171 11.06 16.20 12.63
C VAL A 171 9.52 16.28 12.60
N LEU A 172 8.97 17.47 12.32
CA LEU A 172 7.52 17.67 12.29
C LEU A 172 7.00 18.17 10.93
N ASN A 173 5.69 18.05 10.72
CA ASN A 173 5.12 18.49 9.45
C ASN A 173 5.14 20.00 9.33
N ARG A 174 4.94 20.47 8.10
CA ARG A 174 4.98 21.89 7.76
C ARG A 174 4.07 22.78 8.59
N PHE A 175 2.93 22.25 9.02
CA PHE A 175 1.99 23.05 9.80
C PHE A 175 2.47 23.27 11.24
N GLU A 176 3.40 22.43 11.71
CA GLU A 176 3.89 22.53 13.07
C GLU A 176 5.32 23.06 13.25
N ASN A 177 6.14 22.99 12.20
CA ASN A 177 7.51 23.50 12.26
C ASN A 177 8.00 23.90 10.87
N HIS A 178 8.80 24.95 10.79
CA HIS A 178 9.30 25.43 9.51
C HIS A 178 10.78 25.11 9.25
N VAL A 179 11.48 24.55 10.22
CA VAL A 179 12.90 24.26 10.04
C VAL A 179 13.24 22.82 9.63
N LEU A 180 12.77 21.83 10.39
CA LEU A 180 13.05 20.44 10.06
C LEU A 180 11.72 19.70 9.77
N ASN A 181 11.50 19.42 8.50
CA ASN A 181 10.27 18.76 8.03
C ASN A 181 10.54 17.39 7.45
N THR A 182 11.83 17.09 7.28
CA THR A 182 12.25 15.85 6.68
C THR A 182 13.33 15.12 7.48
N ALA A 183 13.41 13.79 7.33
CA ALA A 183 14.43 13.03 8.03
C ALA A 183 15.81 13.51 7.57
N ALA A 184 15.94 13.89 6.30
CA ALA A 184 17.19 14.40 5.76
C ALA A 184 17.51 15.74 6.42
N GLU A 185 16.51 16.60 6.58
CA GLU A 185 16.77 17.87 7.24
C GLU A 185 17.16 17.65 8.68
N GLY A 186 16.46 16.74 9.37
CA GLY A 186 16.80 16.47 10.77
C GLY A 186 18.22 15.91 10.90
N VAL A 187 18.60 15.01 9.98
CA VAL A 187 19.95 14.41 10.00
C VAL A 187 21.00 15.53 9.75
N ALA A 188 20.73 16.43 8.83
CA ALA A 188 21.67 17.53 8.55
C ALA A 188 21.85 18.40 9.80
N PHE A 189 20.74 18.64 10.51
CA PHE A 189 20.76 19.46 11.71
C PHE A 189 21.62 18.81 12.79
N VAL A 190 21.34 17.54 13.07
CA VAL A 190 22.06 16.77 14.09
C VAL A 190 23.55 16.69 13.77
N LYS A 191 23.89 16.65 12.49
CA LYS A 191 25.30 16.61 12.15
C LYS A 191 25.93 17.97 12.45
N ASP A 192 25.28 19.06 12.06
CA ASP A 192 25.85 20.37 12.36
C ASP A 192 26.04 20.57 13.85
N VAL A 193 25.16 19.96 14.66
CA VAL A 193 25.27 20.09 16.11
C VAL A 193 26.58 19.40 16.52
N GLY A 194 26.87 18.26 15.90
CA GLY A 194 28.08 17.52 16.17
C GLY A 194 28.24 17.16 17.64
N LYS A 195 27.26 16.46 18.19
CA LYS A 195 27.29 16.02 19.59
C LYS A 195 26.77 14.59 19.63
N ASN A 196 27.45 13.74 20.38
CA ASN A 196 27.09 12.35 20.46
C ASN A 196 25.74 12.03 21.08
N ASN A 197 25.24 12.92 21.92
CA ASN A 197 23.97 12.66 22.60
C ASN A 197 22.80 13.47 22.06
N VAL A 198 22.89 13.86 20.80
CA VAL A 198 21.82 14.57 20.11
C VAL A 198 21.53 13.67 18.92
N LYS A 199 20.30 13.19 18.85
CA LYS A 199 19.90 12.27 17.79
C LYS A 199 18.70 12.82 17.06
N VAL A 200 18.32 12.12 16.00
CA VAL A 200 17.16 12.48 15.23
C VAL A 200 15.97 11.70 15.77
N LEU A 202 11.92 10.55 14.70
CA LEU A 202 10.88 10.53 13.69
C LEU A 202 9.53 10.17 14.29
N ASP A 203 8.48 10.60 13.59
CA ASP A 203 7.10 10.37 14.00
C ASP A 203 6.29 10.01 12.73
N THR A 204 5.68 8.83 12.72
CA THR A 204 4.91 8.41 11.56
C THR A 204 3.81 9.37 11.13
N PHE A 205 3.17 10.05 12.08
CA PHE A 205 2.14 11.03 11.73
C PHE A 205 2.75 12.14 10.88
N HIS A 206 3.91 12.65 11.30
CA HIS A 206 4.57 13.73 10.57
C HIS A 206 5.16 13.24 9.26
N ASN A 208 4.03 10.92 7.44
CA ASN A 208 2.94 10.64 6.52
C ASN A 208 2.68 11.83 5.61
N ILE A 209 2.97 13.03 6.09
CA ILE A 209 2.74 14.21 5.26
C ILE A 209 3.95 14.56 4.39
N GLU A 210 5.07 14.81 5.04
CA GLU A 210 6.31 15.24 4.37
C GLU A 210 7.23 14.26 3.62
N GLU A 211 7.33 13.01 4.06
CA GLU A 211 8.25 12.07 3.44
C GLU A 211 7.81 11.45 2.12
N ASP A 212 8.81 11.18 1.27
CA ASP A 212 8.62 10.55 -0.02
C ASP A 212 8.34 9.08 0.26
N SER A 213 9.13 8.50 1.16
CA SER A 213 9.05 7.08 1.54
C SER A 213 9.27 6.89 3.03
N PHE A 214 8.43 6.07 3.68
CA PHE A 214 8.66 5.84 5.11
C PHE A 214 10.00 5.12 5.35
N GLY A 215 10.24 4.06 4.59
CA GLY A 215 11.47 3.31 4.73
C GLY A 215 12.73 4.10 4.47
N ASP A 216 12.75 4.90 3.42
CA ASP A 216 13.92 5.70 3.10
C ASP A 216 14.20 6.71 4.20
N ALA A 217 13.12 7.30 4.75
CA ALA A 217 13.26 8.29 5.80
C ALA A 217 13.93 7.66 7.01
N ILE A 218 13.47 6.47 7.39
CA ILE A 218 14.01 5.75 8.53
C ILE A 218 15.46 5.31 8.25
N ARG A 219 15.71 4.85 7.02
CA ARG A 219 17.04 4.42 6.64
C ARG A 219 17.98 5.62 6.68
N THR A 220 17.50 6.74 6.17
CA THR A 220 18.24 8.00 6.13
C THR A 220 18.66 8.43 7.54
N ALA A 221 17.76 8.28 8.50
CA ALA A 221 18.08 8.62 9.89
C ALA A 221 19.13 7.63 10.41
N GLY A 222 19.02 6.38 9.99
CA GLY A 222 19.98 5.37 10.37
C GLY A 222 20.43 5.32 11.81
N PRO A 223 21.76 5.32 12.05
CA PRO A 223 22.31 5.26 13.41
C PRO A 223 22.00 6.51 14.27
N LEU A 224 21.49 7.57 13.63
CA LEU A 224 21.15 8.78 14.36
C LEU A 224 19.72 8.74 14.91
N LEU A 225 18.93 7.72 14.55
CA LEU A 225 17.56 7.61 15.05
C LEU A 225 17.67 7.32 16.56
N GLY A 226 17.16 8.24 17.37
CA GLY A 226 17.21 8.03 18.82
C GLY A 226 15.85 7.77 19.48
N HIS A 227 14.78 8.27 18.90
CA HIS A 227 13.44 8.10 19.47
C HIS A 227 12.42 7.96 18.33
N PHE A 228 11.27 7.36 18.60
CA PHE A 228 10.29 7.15 17.56
C PHE A 228 8.85 7.29 18.06
N HIS A 229 8.03 7.99 17.29
CA HIS A 229 6.62 8.20 17.61
C HIS A 229 5.70 7.55 16.55
N THR A 230 4.65 6.88 17.04
CA THR A 230 3.71 6.22 16.14
C THR A 230 2.25 6.66 16.32
N GLY A 231 1.52 6.64 15.21
CA GLY A 231 0.12 7.01 15.21
C GLY A 231 -0.33 6.87 13.77
N GLU A 232 -1.63 6.78 13.52
CA GLU A 232 -2.07 6.66 12.13
C GLU A 232 -2.07 8.07 11.56
N SER A 233 -2.39 8.20 10.28
CA SER A 233 -2.38 9.50 9.64
C SER A 233 -3.26 10.50 10.38
N ASN A 234 -4.37 10.06 10.94
CA ASN A 234 -5.23 11.00 11.66
C ASN A 234 -5.09 10.86 13.18
N ARG A 235 -3.99 10.24 13.61
CA ARG A 235 -3.66 10.15 15.04
C ARG A 235 -4.33 9.10 15.92
N ARG A 236 -4.94 8.09 15.32
CA ARG A 236 -5.55 7.04 16.11
C ARG A 236 -4.42 6.11 16.56
N VAL A 237 -4.72 5.14 17.44
CA VAL A 237 -3.69 4.21 17.89
C VAL A 237 -3.22 3.34 16.73
N PRO A 238 -1.93 2.94 16.75
CA PRO A 238 -1.35 2.10 15.70
C PRO A 238 -2.14 0.81 15.49
N GLY A 239 -2.39 0.49 14.21
CA GLY A 239 -3.14 -0.71 13.87
C GLY A 239 -4.57 -0.40 13.41
N LYS A 240 -5.09 0.79 13.73
CA LYS A 240 -6.46 1.14 13.33
C LYS A 240 -6.51 1.62 11.89
N GLY A 241 -5.36 1.97 11.32
CA GLY A 241 -5.38 2.51 9.97
C GLY A 241 -4.47 1.97 8.90
N ARG A 242 -4.33 2.76 7.85
CA ARG A 242 -3.58 2.41 6.66
C ARG A 242 -2.09 2.70 6.63
N PRO A 244 1.77 2.18 6.60
CA PRO A 244 2.51 1.00 6.12
C PRO A 244 3.36 0.38 7.21
N TRP A 245 2.71 -0.18 8.23
CA TRP A 245 3.41 -0.76 9.36
C TRP A 245 4.49 -1.79 9.01
N HIS A 246 4.20 -2.64 8.04
CA HIS A 246 5.15 -3.66 7.63
C HIS A 246 6.46 -3.03 7.11
N GLU A 247 6.33 -2.04 6.23
CA GLU A 247 7.49 -1.34 5.65
C GLU A 247 8.26 -0.68 6.78
N ILE A 248 7.53 -0.01 7.66
CA ILE A 248 8.12 0.69 8.80
C ILE A 248 8.89 -0.30 9.68
N GLY A 249 8.31 -1.46 9.97
CA GLY A 249 9.01 -2.44 10.79
C GLY A 249 10.27 -2.96 10.12
N LEU A 250 10.24 -3.21 8.81
CA LEU A 250 11.41 -3.72 8.12
C LEU A 250 12.54 -2.70 8.14
N ALA A 251 12.18 -1.42 8.05
CA ALA A 251 13.14 -0.34 8.06
C ALA A 251 13.82 -0.23 9.42
N LEU A 252 13.03 -0.25 10.50
CA LEU A 252 13.60 -0.12 11.84
C LEU A 252 14.56 -1.28 12.05
N ARG A 253 14.19 -2.44 11.53
CA ARG A 253 15.06 -3.59 11.63
C ARG A 253 16.29 -3.36 10.74
N ASP A 254 16.09 -2.82 9.53
CA ASP A 254 17.24 -2.56 8.66
C ASP A 254 18.29 -1.77 9.45
N ILE A 255 17.86 -0.75 10.20
CA ILE A 255 18.85 0.04 10.91
C ILE A 255 19.18 -0.42 12.33
N ASN A 256 18.75 -1.62 12.69
CA ASN A 256 18.99 -2.20 14.02
C ASN A 256 18.51 -1.29 15.14
N TYR A 257 17.35 -0.68 14.95
CA TYR A 257 16.82 0.20 15.96
C TYR A 257 16.47 -0.54 17.24
N THR A 258 17.09 -0.14 18.34
CA THR A 258 16.82 -0.76 19.64
C THR A 258 16.32 0.33 20.60
N GLY A 259 15.87 1.44 20.05
CA GLY A 259 15.35 2.51 20.87
C GLY A 259 13.91 2.26 21.31
N ALA A 260 13.22 3.33 21.66
CA ALA A 260 11.85 3.21 22.09
C ALA A 260 10.89 3.54 20.95
N VAL A 261 9.70 2.92 21.00
CA VAL A 261 8.64 3.16 20.03
C VAL A 261 7.45 3.60 20.88
N ILE A 262 7.17 4.90 20.89
CA ILE A 262 6.09 5.46 21.69
C ILE A 262 4.86 5.81 20.85
N GLU A 264 1.64 7.73 20.11
CA GLU A 264 1.16 9.02 20.58
C GLU A 264 -0.22 9.37 20.01
N PRO A 265 -1.25 8.63 20.42
CA PRO A 265 -2.59 8.94 19.87
C PRO A 265 -3.35 10.09 20.51
N PHE A 266 -4.03 10.83 19.68
CA PHE A 266 -4.83 11.96 20.12
C PHE A 266 -6.16 11.76 19.44
N VAL A 267 -7.10 11.18 20.19
CA VAL A 267 -8.44 10.87 19.68
C VAL A 267 -9.64 11.54 20.36
N LYS A 268 -9.38 12.38 21.35
CA LYS A 268 -10.48 13.05 22.06
C LYS A 268 -10.50 14.55 21.79
N THR A 269 -11.69 15.13 21.63
CA THR A 269 -11.76 16.55 21.40
C THR A 269 -11.73 17.24 22.76
N GLY A 270 -11.51 18.55 22.75
CA GLY A 270 -11.52 19.30 23.99
C GLY A 270 -10.22 19.63 24.71
N GLY A 271 -10.23 20.75 25.40
CA GLY A 271 -9.07 21.21 26.15
C GLY A 271 -7.92 21.79 25.35
N THR A 272 -6.83 22.08 26.04
CA THR A 272 -5.65 22.61 25.40
C THR A 272 -5.07 21.56 24.45
N ILE A 273 -5.11 20.29 24.86
CA ILE A 273 -4.61 19.20 24.02
C ILE A 273 -5.42 19.22 22.75
N GLY A 274 -6.74 19.24 22.91
CA GLY A 274 -7.62 19.26 21.75
C GLY A 274 -7.34 20.39 20.76
N SER A 275 -7.05 21.58 21.25
CA SER A 275 -6.80 22.70 20.35
C SER A 275 -5.36 22.78 19.81
N ASP A 276 -4.39 22.26 20.56
CA ASP A 276 -3.02 22.30 20.08
C ASP A 276 -2.81 21.22 19.03
N ILE A 277 -3.42 20.06 19.25
CA ILE A 277 -3.30 18.94 18.30
C ILE A 277 -4.35 19.07 17.18
N LYS A 278 -5.29 19.98 17.37
CA LYS A 278 -6.34 20.22 16.41
C LYS A 278 -7.21 19.00 16.20
N VAL A 279 -7.70 18.42 17.31
CA VAL A 279 -8.60 17.26 17.24
C VAL A 279 -10.03 17.86 17.26
N TRP A 280 -10.56 18.15 16.06
CA TRP A 280 -11.89 18.75 15.91
C TRP A 280 -13.05 17.72 15.94
N ARG A 281 -12.73 16.44 15.95
CA ARG A 281 -13.77 15.42 15.97
C ARG A 281 -13.25 14.24 16.74
N ASP A 282 -14.16 13.53 17.40
CA ASP A 282 -13.81 12.37 18.18
C ASP A 282 -13.39 11.25 17.26
N LEU A 283 -12.27 10.62 17.58
CA LEU A 283 -11.78 9.51 16.75
C LEU A 283 -11.66 8.25 17.62
N SER A 284 -12.24 8.30 18.81
CA SER A 284 -12.19 7.15 19.71
C SER A 284 -13.42 6.27 19.60
N GLY A 285 -14.42 6.74 18.85
CA GLY A 285 -15.66 6.01 18.70
C GLY A 285 -16.51 6.18 19.96
N GLY A 286 -16.39 7.34 20.59
CA GLY A 286 -17.12 7.61 21.83
C GLY A 286 -16.69 6.69 22.95
N ALA A 287 -15.45 6.23 22.90
CA ALA A 287 -14.90 5.31 23.89
C ALA A 287 -14.84 5.76 25.36
N ASP A 288 -15.29 4.90 26.26
CA ASP A 288 -15.17 5.21 27.68
C ASP A 288 -13.73 4.77 28.01
N ILE A 289 -13.26 5.01 29.23
CA ILE A 289 -11.89 4.65 29.57
C ILE A 289 -11.54 3.20 29.25
N ALA A 290 -12.37 2.26 29.70
CA ALA A 290 -12.11 0.85 29.45
C ALA A 290 -11.81 0.57 27.95
N LYS A 291 -12.54 1.22 27.04
CA LYS A 291 -12.33 1.05 25.60
C LYS A 291 -11.02 1.75 25.19
N ASP A 293 -8.45 1.97 26.95
CA ASP A 293 -7.47 1.00 27.42
C ASP A 293 -7.35 -0.21 26.50
N GLU A 294 -8.48 -0.77 26.06
CA GLU A 294 -8.45 -1.93 25.16
C GLU A 294 -7.75 -1.56 23.84
N ASP A 295 -8.05 -0.38 23.30
CA ASP A 295 -7.43 0.07 22.06
C ASP A 295 -5.92 0.18 22.23
N ALA A 296 -5.48 0.76 23.35
CA ALA A 296 -4.04 0.94 23.62
C ALA A 296 -3.39 -0.42 23.74
N ARG A 297 -4.01 -1.28 24.53
CA ARG A 297 -3.53 -2.62 24.73
C ARG A 297 -3.42 -3.35 23.37
N ASN A 298 -4.44 -3.19 22.52
CA ASN A 298 -4.42 -3.85 21.22
C ASN A 298 -3.35 -3.23 20.30
N ALA A 299 -3.21 -1.91 20.31
CA ALA A 299 -2.21 -1.27 19.47
C ALA A 299 -0.82 -1.74 19.93
N LEU A 300 -0.68 -2.02 21.22
CA LEU A 300 0.58 -2.47 21.79
C LEU A 300 0.97 -3.87 21.26
N ALA A 301 0.04 -4.83 21.35
CA ALA A 301 0.28 -6.19 20.86
C ALA A 301 0.61 -6.10 19.38
N PHE A 302 -0.18 -5.30 18.66
CA PHE A 302 -0.01 -5.07 17.24
C PHE A 302 1.39 -4.57 16.91
N SER A 303 1.81 -3.51 17.61
CA SER A 303 3.12 -2.92 17.39
C SER A 303 4.25 -3.90 17.70
N ARG A 304 4.10 -4.69 18.75
CA ARG A 304 5.15 -5.65 19.08
C ARG A 304 5.27 -6.72 18.02
N PHE A 305 4.11 -7.13 17.49
CA PHE A 305 4.05 -8.19 16.49
C PHE A 305 4.50 -7.75 15.10
N VAL A 306 4.13 -6.54 14.68
CA VAL A 306 4.49 -6.04 13.36
C VAL A 306 5.84 -5.33 13.34
N LEU A 307 6.13 -4.51 14.34
CA LEU A 307 7.40 -3.78 14.37
C LEU A 307 8.51 -4.55 15.10
N GLY A 308 8.15 -5.40 16.04
CA GLY A 308 9.15 -6.14 16.79
C GLY A 308 9.20 -5.63 18.22
N GLY A 309 9.70 -6.46 19.14
CA GLY A 309 9.81 -6.11 20.54
C GLY A 309 9.41 -7.26 21.45
N LYS B 22 -16.25 -14.84 13.24
CA LYS B 22 -15.42 -15.73 14.05
C LYS B 22 -14.10 -16.07 13.39
N HIS B 23 -13.08 -16.31 14.21
CA HIS B 23 -11.75 -16.64 13.72
C HIS B 23 -11.31 -18.05 14.00
N GLY B 24 -10.64 -18.65 13.01
CA GLY B 24 -10.16 -20.00 13.18
C GLY B 24 -8.86 -20.23 12.46
N ILE B 25 -8.30 -21.42 12.64
CA ILE B 25 -7.06 -21.77 11.96
C ILE B 25 -7.20 -23.20 11.45
N TYR B 26 -6.55 -23.48 10.33
CA TYR B 26 -6.57 -24.81 9.72
C TYR B 26 -5.49 -25.60 10.47
N TYR B 27 -5.88 -26.67 11.17
CA TYR B 27 -4.92 -27.43 11.98
C TYR B 27 -3.72 -27.94 11.21
N SER B 28 -3.87 -28.15 9.90
CA SER B 28 -2.75 -28.67 9.11
C SER B 28 -1.50 -27.82 9.22
N TYR B 29 -1.68 -26.61 9.73
CA TYR B 29 -0.58 -25.68 9.95
C TYR B 29 0.56 -26.33 10.76
N TRP B 30 0.20 -27.18 11.71
CA TRP B 30 1.16 -27.90 12.59
C TRP B 30 1.65 -29.24 12.06
N GLU B 31 1.02 -29.75 11.00
CA GLU B 31 1.39 -31.05 10.44
C GLU B 31 2.15 -30.98 9.12
N HIS B 32 2.50 -32.15 8.59
CA HIS B 32 3.24 -32.25 7.33
C HIS B 32 2.47 -33.17 6.37
N GLU B 33 1.55 -33.94 6.94
CA GLU B 33 0.73 -34.89 6.18
C GLU B 33 -0.74 -34.57 6.33
N TRP B 34 -1.46 -34.56 5.21
CA TRP B 34 -2.90 -34.27 5.19
C TRP B 34 -3.70 -35.25 6.02
N SER B 35 -3.14 -36.45 6.19
CA SER B 35 -3.78 -37.54 6.93
C SER B 35 -3.67 -37.50 8.48
N ALA B 36 -2.75 -36.68 9.00
CA ALA B 36 -2.60 -36.55 10.44
C ALA B 36 -4.00 -36.27 11.01
N LYS B 37 -4.34 -36.89 12.14
CA LYS B 37 -5.65 -36.72 12.74
C LYS B 37 -5.76 -35.42 13.53
N PHE B 38 -6.93 -34.80 13.45
CA PHE B 38 -7.17 -33.51 14.08
C PHE B 38 -7.73 -33.57 15.50
N GLY B 39 -8.20 -34.74 15.90
CA GLY B 39 -8.74 -34.90 17.22
C GLY B 39 -8.02 -34.15 18.33
N PRO B 40 -6.70 -34.38 18.51
CA PRO B 40 -5.90 -33.72 19.55
C PRO B 40 -5.89 -32.19 19.42
N TYR B 41 -5.96 -31.70 18.18
CA TYR B 41 -5.91 -30.26 17.92
C TYR B 41 -7.13 -29.47 18.40
N ILE B 42 -8.27 -30.15 18.53
CA ILE B 42 -9.48 -29.49 18.98
C ILE B 42 -9.23 -28.74 20.29
N GLU B 43 -8.60 -29.38 21.25
CA GLU B 43 -8.32 -28.73 22.52
C GLU B 43 -7.15 -27.75 22.38
N LYS B 44 -6.11 -28.16 21.68
CA LYS B 44 -4.96 -27.29 21.49
C LYS B 44 -5.43 -25.95 20.92
N VAL B 45 -6.08 -26.01 19.77
CA VAL B 45 -6.54 -24.80 19.11
C VAL B 45 -7.44 -23.95 20.02
N ALA B 46 -8.33 -24.58 20.76
CA ALA B 46 -9.23 -23.85 21.65
C ALA B 46 -8.47 -23.07 22.71
N LYS B 47 -7.41 -23.67 23.24
CA LYS B 47 -6.58 -23.03 24.26
C LYS B 47 -5.82 -21.84 23.68
N LEU B 48 -5.52 -21.86 22.39
CA LEU B 48 -4.82 -20.74 21.78
C LEU B 48 -5.77 -19.53 21.63
N GLY B 49 -7.07 -19.76 21.83
CA GLY B 49 -8.05 -18.68 21.77
C GLY B 49 -8.94 -18.62 20.55
N PHE B 50 -8.75 -19.53 19.61
CA PHE B 50 -9.55 -19.55 18.39
C PHE B 50 -11.02 -19.93 18.58
N ASP B 51 -11.91 -19.26 17.85
CA ASP B 51 -13.35 -19.55 17.90
C ASP B 51 -13.65 -20.82 17.10
N ILE B 52 -12.84 -21.06 16.06
CA ILE B 52 -13.02 -22.17 15.14
C ILE B 52 -11.73 -22.94 14.80
N ILE B 53 -11.88 -24.23 14.52
CA ILE B 53 -10.78 -25.08 14.07
C ILE B 53 -11.30 -25.69 12.76
N GLU B 54 -10.57 -25.49 11.66
CA GLU B 54 -11.02 -26.06 10.39
C GLU B 54 -10.23 -27.33 10.17
N VAL B 55 -10.93 -28.39 9.79
CA VAL B 55 -10.33 -29.70 9.59
C VAL B 55 -10.55 -30.20 8.16
N ALA B 56 -9.83 -31.26 7.80
CA ALA B 56 -9.95 -31.87 6.48
C ALA B 56 -11.13 -32.84 6.56
N ALA B 57 -12.13 -32.67 5.71
CA ALA B 57 -13.34 -33.51 5.74
C ALA B 57 -13.26 -34.94 5.24
N HIS B 58 -12.28 -35.27 4.40
CA HIS B 58 -12.22 -36.65 3.95
C HIS B 58 -11.94 -37.60 5.13
N HIS B 59 -11.25 -37.09 6.16
CA HIS B 59 -10.95 -37.90 7.35
C HIS B 59 -12.22 -38.29 8.07
N ILE B 60 -13.18 -37.39 8.07
CA ILE B 60 -14.42 -37.64 8.74
C ILE B 60 -15.06 -38.95 8.31
N ASN B 61 -14.74 -39.42 7.10
CA ASN B 61 -15.36 -40.66 6.63
C ASN B 61 -14.77 -41.95 7.21
N GLU B 62 -13.54 -41.90 7.72
CA GLU B 62 -12.92 -43.10 8.26
C GLU B 62 -13.25 -43.35 9.74
N TYR B 63 -13.97 -42.43 10.36
CA TYR B 63 -14.32 -42.58 11.77
C TYR B 63 -15.66 -43.27 12.00
N SER B 64 -15.73 -44.04 13.07
CA SER B 64 -16.96 -44.74 13.45
C SER B 64 -17.87 -43.72 14.09
N ASP B 65 -19.14 -44.05 14.23
CA ASP B 65 -20.09 -43.12 14.82
C ASP B 65 -19.71 -42.76 16.25
N ALA B 66 -19.01 -43.67 16.93
CA ALA B 66 -18.61 -43.43 18.31
C ALA B 66 -17.44 -42.45 18.36
N GLU B 67 -16.48 -42.62 17.47
CA GLU B 67 -15.32 -41.74 17.41
C GLU B 67 -15.77 -40.34 17.04
N LEU B 68 -16.77 -40.25 16.17
CA LEU B 68 -17.29 -38.94 15.77
C LEU B 68 -17.98 -38.32 16.98
N ALA B 69 -18.58 -39.16 17.81
CA ALA B 69 -19.26 -38.69 19.01
C ALA B 69 -18.23 -38.06 19.94
N THR B 70 -17.07 -38.70 20.07
CA THR B 70 -16.02 -38.16 20.91
C THR B 70 -15.67 -36.75 20.42
N ILE B 71 -15.39 -36.64 19.13
CA ILE B 71 -15.03 -35.38 18.49
C ILE B 71 -16.03 -34.26 18.74
N ARG B 72 -17.30 -34.51 18.39
CA ARG B 72 -18.34 -33.53 18.57
C ARG B 72 -18.39 -33.10 20.03
N LYS B 73 -18.23 -34.05 20.93
CA LYS B 73 -18.26 -33.74 22.35
C LYS B 73 -17.03 -32.93 22.77
N SER B 74 -15.87 -33.33 22.27
CA SER B 74 -14.62 -32.62 22.58
C SER B 74 -14.73 -31.16 22.18
N ALA B 75 -15.37 -30.90 21.04
CA ALA B 75 -15.56 -29.55 20.54
C ALA B 75 -16.49 -28.74 21.44
N LYS B 76 -17.66 -29.29 21.78
CA LYS B 76 -18.62 -28.58 22.63
C LYS B 76 -18.00 -28.32 24.00
N ASP B 77 -17.27 -29.30 24.51
CA ASP B 77 -16.64 -29.16 25.80
C ASP B 77 -15.63 -28.03 25.80
N ASN B 78 -14.85 -27.91 24.72
CA ASN B 78 -13.85 -26.88 24.64
C ASN B 78 -14.36 -25.58 24.03
N GLY B 79 -15.67 -25.45 23.94
CA GLY B 79 -16.26 -24.25 23.38
C GLY B 79 -15.73 -23.82 22.03
N ILE B 80 -15.51 -24.77 21.12
CA ILE B 80 -15.00 -24.38 19.80
C ILE B 80 -15.80 -25.00 18.66
N ILE B 81 -15.93 -24.25 17.57
CA ILE B 81 -16.67 -24.70 16.42
C ILE B 81 -15.76 -25.31 15.37
N LEU B 82 -16.29 -26.30 14.66
CA LEU B 82 -15.52 -26.94 13.61
C LEU B 82 -16.07 -26.52 12.26
N THR B 83 -15.16 -26.39 11.31
CA THR B 83 -15.44 -26.02 9.93
C THR B 83 -14.56 -26.96 9.11
N ALA B 84 -14.97 -27.31 7.90
CA ALA B 84 -14.16 -28.23 7.13
C ALA B 84 -13.83 -27.77 5.71
N GLY B 85 -12.71 -28.29 5.21
CA GLY B 85 -12.29 -27.97 3.87
C GLY B 85 -12.25 -29.29 3.12
N ILE B 86 -12.49 -29.25 1.82
CA ILE B 86 -12.48 -30.46 1.01
C ILE B 86 -11.78 -30.25 -0.32
N GLY B 87 -10.82 -31.12 -0.61
CA GLY B 87 -10.09 -31.08 -1.87
C GLY B 87 -10.47 -32.34 -2.64
N PRO B 88 -11.54 -32.31 -3.48
CA PRO B 88 -12.00 -33.45 -4.29
C PRO B 88 -10.85 -34.04 -5.07
N SER B 89 -10.79 -35.36 -5.18
CA SER B 89 -9.70 -36.00 -5.94
C SER B 89 -10.09 -36.10 -7.41
N LYS B 90 -9.10 -36.39 -8.24
CA LYS B 90 -9.29 -36.48 -9.68
C LYS B 90 -10.26 -37.58 -10.08
N THR B 91 -10.36 -38.62 -9.26
CA THR B 91 -11.26 -39.74 -9.55
C THR B 91 -12.66 -39.57 -8.95
N LYS B 92 -12.78 -38.64 -8.00
CA LYS B 92 -14.08 -38.41 -7.37
C LYS B 92 -14.38 -36.93 -7.32
N ASN B 93 -14.88 -36.41 -8.43
CA ASN B 93 -15.22 -35.01 -8.49
C ASN B 93 -16.45 -34.75 -9.36
N LEU B 94 -16.98 -33.54 -9.22
CA LEU B 94 -18.19 -33.14 -9.91
C LEU B 94 -18.04 -32.53 -11.28
N SER B 95 -16.83 -32.10 -11.65
CA SER B 95 -16.65 -31.45 -12.95
C SER B 95 -16.15 -32.34 -14.10
N SER B 96 -15.63 -33.51 -13.78
CA SER B 96 -15.11 -34.42 -14.79
C SER B 96 -16.06 -34.69 -15.96
N GLU B 97 -15.50 -34.82 -17.15
CA GLU B 97 -16.30 -35.12 -18.33
C GLU B 97 -16.69 -36.60 -18.28
N ASP B 98 -15.97 -37.34 -17.44
CA ASP B 98 -16.22 -38.76 -17.24
C ASP B 98 -17.41 -38.94 -16.28
N ALA B 99 -18.53 -39.46 -16.79
CA ALA B 99 -19.74 -39.65 -15.98
C ALA B 99 -19.56 -40.53 -14.75
N ALA B 100 -18.69 -41.54 -14.82
CA ALA B 100 -18.47 -42.41 -13.67
C ALA B 100 -17.77 -41.62 -12.57
N VAL B 101 -16.83 -40.77 -12.97
CA VAL B 101 -16.12 -39.97 -12.00
C VAL B 101 -17.13 -39.05 -11.32
N ARG B 102 -17.97 -38.40 -12.12
CA ARG B 102 -18.98 -37.49 -11.59
C ARG B 102 -19.90 -38.24 -10.62
N ALA B 103 -20.21 -39.50 -10.96
CA ALA B 103 -21.10 -40.29 -10.10
C ALA B 103 -20.36 -40.60 -8.80
N ALA B 104 -19.06 -40.86 -8.92
CA ALA B 104 -18.27 -41.16 -7.73
C ALA B 104 -18.24 -39.92 -6.86
N GLY B 105 -18.09 -38.77 -7.50
CA GLY B 105 -18.03 -37.50 -6.80
C GLY B 105 -19.33 -37.21 -6.07
N LYS B 106 -20.44 -37.49 -6.73
CA LYS B 106 -21.72 -37.23 -6.10
C LYS B 106 -21.88 -38.14 -4.90
N ALA B 107 -21.57 -39.43 -5.07
CA ALA B 107 -21.70 -40.43 -4.01
C ALA B 107 -20.79 -40.12 -2.82
N PHE B 108 -19.60 -39.64 -3.14
CA PHE B 108 -18.59 -39.27 -2.14
C PHE B 108 -19.05 -38.03 -1.35
N PHE B 109 -19.52 -37.00 -2.07
CA PHE B 109 -19.99 -35.80 -1.41
C PHE B 109 -21.16 -36.08 -0.47
N GLU B 110 -22.19 -36.77 -0.95
CA GLU B 110 -23.33 -37.04 -0.10
C GLU B 110 -22.91 -37.79 1.16
N ARG B 111 -22.02 -38.77 1.03
CA ARG B 111 -21.58 -39.50 2.21
C ARG B 111 -20.86 -38.55 3.18
N THR B 112 -19.93 -37.77 2.65
CA THR B 112 -19.16 -36.81 3.47
C THR B 112 -20.11 -35.81 4.11
N LEU B 113 -21.00 -35.21 3.32
CA LEU B 113 -21.93 -34.25 3.89
C LEU B 113 -22.63 -34.85 5.11
N SER B 114 -23.02 -36.12 5.02
CA SER B 114 -23.72 -36.80 6.12
C SER B 114 -22.85 -36.95 7.36
N ASN B 115 -21.59 -37.32 7.15
CA ASN B 115 -20.67 -37.48 8.26
C ASN B 115 -20.30 -36.14 8.87
N VAL B 116 -20.19 -35.12 8.03
CA VAL B 116 -19.84 -33.78 8.48
C VAL B 116 -20.94 -33.29 9.45
N ALA B 117 -22.20 -33.61 9.12
CA ALA B 117 -23.33 -33.20 9.97
C ALA B 117 -23.29 -33.81 11.37
N LYS B 118 -22.68 -35.00 11.48
CA LYS B 118 -22.57 -35.67 12.77
C LYS B 118 -21.69 -34.86 13.70
N LEU B 119 -20.74 -34.12 13.11
CA LEU B 119 -19.83 -33.27 13.90
C LEU B 119 -20.38 -31.84 14.04
N ASP B 120 -21.65 -31.65 13.73
CA ASP B 120 -22.30 -30.36 13.82
C ASP B 120 -21.57 -29.26 13.02
N ILE B 121 -21.03 -29.63 11.85
CA ILE B 121 -20.31 -28.71 10.97
C ILE B 121 -21.29 -28.11 9.98
N HIS B 122 -21.30 -26.79 9.84
CA HIS B 122 -22.25 -26.15 8.94
C HIS B 122 -21.66 -25.47 7.73
N THR B 123 -20.33 -25.53 7.59
CA THR B 123 -19.67 -24.90 6.46
C THR B 123 -18.61 -25.83 5.85
N ILE B 124 -18.73 -26.08 4.56
CA ILE B 124 -17.75 -26.91 3.85
C ILE B 124 -17.18 -25.99 2.77
N GLY B 125 -15.86 -25.91 2.71
CA GLY B 125 -15.26 -25.05 1.70
C GLY B 125 -14.12 -25.71 0.99
N GLY B 126 -13.82 -25.21 -0.21
CA GLY B 126 -12.75 -25.75 -1.02
C GLY B 126 -13.17 -25.66 -2.48
N ALA B 127 -12.38 -26.27 -3.35
CA ALA B 127 -12.65 -26.28 -4.79
C ALA B 127 -13.71 -27.33 -5.14
N LEU B 128 -14.86 -27.26 -4.45
CA LEU B 128 -15.93 -28.23 -4.61
C LEU B 128 -16.45 -28.44 -6.02
N HIS B 129 -16.24 -27.45 -6.87
CA HIS B 129 -16.72 -27.48 -8.25
C HIS B 129 -15.72 -28.20 -9.14
N SER B 130 -14.61 -28.64 -8.56
CA SER B 130 -13.55 -29.23 -9.34
C SER B 130 -12.82 -30.31 -8.52
N TYR B 131 -11.50 -30.30 -8.56
CA TYR B 131 -10.71 -31.26 -7.79
C TYR B 131 -9.36 -30.57 -7.62
N TRP B 132 -8.63 -30.95 -6.58
CA TRP B 132 -7.37 -30.30 -6.26
C TRP B 132 -6.46 -31.32 -5.59
N PRO B 133 -5.17 -31.29 -5.91
CA PRO B 133 -4.49 -30.39 -6.86
C PRO B 133 -4.81 -30.73 -8.32
N ILE B 134 -4.88 -29.69 -9.18
CA ILE B 134 -5.18 -29.93 -10.59
C ILE B 134 -3.98 -30.40 -11.41
N ASP B 135 -4.28 -31.16 -12.46
CA ASP B 135 -3.27 -31.73 -13.36
C ASP B 135 -3.24 -31.06 -14.73
N TYR B 136 -2.25 -30.20 -14.94
CA TYR B 136 -2.14 -29.51 -16.22
C TYR B 136 -1.31 -30.20 -17.30
N SER B 137 -0.85 -31.43 -17.02
CA SER B 137 -0.06 -32.16 -18.00
C SER B 137 -0.93 -32.36 -19.24
N GLN B 138 -2.23 -32.57 -19.00
CA GLN B 138 -3.20 -32.77 -20.06
C GLN B 138 -3.99 -31.49 -20.34
N PRO B 139 -4.48 -31.31 -21.58
CA PRO B 139 -5.24 -30.11 -21.94
C PRO B 139 -6.39 -29.93 -20.94
N VAL B 140 -6.96 -28.73 -20.92
CA VAL B 140 -8.03 -28.46 -19.99
C VAL B 140 -9.27 -27.88 -20.68
N ASP B 141 -10.44 -28.22 -20.18
CA ASP B 141 -11.70 -27.75 -20.74
C ASP B 141 -12.44 -26.91 -19.72
N LYS B 142 -12.18 -25.61 -19.76
CA LYS B 142 -12.78 -24.66 -18.83
C LYS B 142 -14.30 -24.56 -18.99
N ALA B 143 -14.78 -24.26 -20.19
CA ALA B 143 -16.23 -24.14 -20.39
C ALA B 143 -16.98 -25.40 -19.99
N GLY B 144 -16.45 -26.56 -20.37
CA GLY B 144 -17.06 -27.83 -20.04
C GLY B 144 -17.01 -28.13 -18.56
N ASP B 145 -15.87 -27.88 -17.93
CA ASP B 145 -15.75 -28.12 -16.49
C ASP B 145 -16.66 -27.16 -15.74
N TYR B 146 -16.74 -25.93 -16.23
CA TYR B 146 -17.59 -24.93 -15.60
C TYR B 146 -19.03 -25.42 -15.60
N ALA B 147 -19.50 -25.79 -16.78
CA ALA B 147 -20.87 -26.27 -16.98
C ALA B 147 -21.22 -27.53 -16.17
N ARG B 148 -20.34 -28.53 -16.17
CA ARG B 148 -20.60 -29.74 -15.40
C ARG B 148 -20.56 -29.40 -13.91
N GLY B 149 -19.59 -28.58 -13.53
CA GLY B 149 -19.45 -28.19 -12.15
C GLY B 149 -20.71 -27.57 -11.60
N VAL B 150 -21.34 -26.72 -12.41
CA VAL B 150 -22.56 -26.06 -11.97
C VAL B 150 -23.65 -27.11 -11.77
N GLU B 151 -23.79 -28.05 -12.71
CA GLU B 151 -24.83 -29.08 -12.58
C GLU B 151 -24.56 -29.87 -11.31
N GLY B 152 -23.30 -30.28 -11.14
CA GLY B 152 -22.90 -31.09 -10.01
C GLY B 152 -23.16 -30.49 -8.65
N ILE B 153 -22.78 -29.24 -8.46
CA ILE B 153 -22.99 -28.57 -7.20
C ILE B 153 -24.50 -28.35 -6.98
N ASN B 154 -25.21 -28.02 -8.05
CA ASN B 154 -26.66 -27.84 -7.97
C ASN B 154 -27.30 -29.14 -7.50
N GLY B 155 -26.80 -30.26 -8.03
CA GLY B 155 -27.31 -31.57 -7.69
C GLY B 155 -27.13 -32.02 -6.25
N ILE B 156 -26.19 -31.43 -5.51
CA ILE B 156 -26.04 -31.84 -4.12
C ILE B 156 -26.39 -30.73 -3.13
N ALA B 157 -26.76 -29.55 -3.66
CA ALA B 157 -27.10 -28.42 -2.80
C ALA B 157 -28.22 -28.74 -1.79
N ASP B 158 -29.35 -29.26 -2.27
CA ASP B 158 -30.48 -29.55 -1.38
C ASP B 158 -30.12 -30.51 -0.29
N PHE B 159 -29.35 -31.53 -0.66
CA PHE B 159 -28.93 -32.52 0.31
C PHE B 159 -28.14 -31.83 1.43
N ALA B 160 -27.16 -31.01 1.06
CA ALA B 160 -26.35 -30.29 2.03
C ALA B 160 -27.27 -29.37 2.82
N ASN B 161 -28.15 -28.67 2.11
CA ASN B 161 -29.04 -27.76 2.77
C ASN B 161 -29.89 -28.47 3.83
N ASP B 162 -30.40 -29.66 3.53
CA ASP B 162 -31.22 -30.39 4.51
C ASP B 162 -30.41 -30.71 5.76
N LEU B 163 -29.10 -30.81 5.62
CA LEU B 163 -28.22 -31.08 6.76
C LEU B 163 -27.78 -29.73 7.32
N GLY B 164 -28.36 -28.66 6.79
CA GLY B 164 -28.01 -27.32 7.23
C GLY B 164 -26.56 -26.98 6.96
N ILE B 165 -26.10 -27.23 5.74
CA ILE B 165 -24.71 -26.96 5.38
C ILE B 165 -24.54 -26.06 4.17
N ASN B 166 -23.62 -25.11 4.30
CA ASN B 166 -23.32 -24.23 3.17
C ASN B 166 -22.14 -24.80 2.42
N LEU B 167 -22.23 -24.79 1.09
CA LEU B 167 -21.17 -25.26 0.24
C LEU B 167 -20.51 -23.97 -0.28
N CYS B 168 -19.25 -23.76 0.09
CA CYS B 168 -18.53 -22.55 -0.30
C CYS B 168 -17.48 -22.84 -1.38
N ILE B 169 -17.73 -22.33 -2.56
CA ILE B 169 -16.87 -22.53 -3.72
C ILE B 169 -15.65 -21.62 -3.64
N GLU B 170 -14.50 -22.18 -3.33
CA GLU B 170 -13.27 -21.38 -3.22
C GLU B 170 -12.66 -20.95 -4.56
N VAL B 171 -12.34 -19.66 -4.66
CA VAL B 171 -11.71 -19.08 -5.85
C VAL B 171 -10.21 -19.24 -5.66
N LEU B 172 -9.52 -19.91 -6.60
CA LEU B 172 -8.08 -20.14 -6.49
C LEU B 172 -7.30 -19.49 -7.61
N ASN B 173 -5.98 -19.39 -7.46
CA ASN B 173 -5.15 -18.77 -8.50
C ASN B 173 -4.97 -19.76 -9.67
N ARG B 174 -4.56 -19.20 -10.80
CA ARG B 174 -4.34 -19.92 -12.07
C ARG B 174 -3.54 -21.21 -11.99
N PHE B 175 -2.64 -21.29 -11.04
CA PHE B 175 -1.82 -22.46 -10.91
C PHE B 175 -2.56 -23.61 -10.23
N GLU B 176 -3.64 -23.29 -9.51
CA GLU B 176 -4.36 -24.32 -8.79
C GLU B 176 -5.75 -24.65 -9.32
N ASN B 177 -6.28 -23.78 -10.18
CA ASN B 177 -7.57 -24.02 -10.77
C ASN B 177 -7.67 -23.20 -12.05
N HIS B 178 -8.39 -23.71 -13.04
CA HIS B 178 -8.51 -23.03 -14.31
C HIS B 178 -9.94 -22.54 -14.56
N VAL B 179 -10.87 -22.86 -13.66
CA VAL B 179 -12.26 -22.44 -13.87
C VAL B 179 -12.68 -21.15 -13.14
N LEU B 180 -12.38 -21.05 -11.84
CA LEU B 180 -12.74 -19.87 -11.05
C LEU B 180 -11.47 -19.24 -10.46
N ASN B 181 -11.09 -18.06 -10.95
CA ASN B 181 -9.88 -17.39 -10.50
C ASN B 181 -10.09 -16.02 -9.86
N THR B 182 -11.27 -15.44 -10.03
CA THR B 182 -11.56 -14.14 -9.46
C THR B 182 -12.94 -14.19 -8.78
N ALA B 183 -13.16 -13.30 -7.82
CA ALA B 183 -14.43 -13.20 -7.12
C ALA B 183 -15.58 -13.08 -8.14
N ALA B 184 -15.37 -12.28 -9.18
CA ALA B 184 -16.38 -12.10 -10.23
C ALA B 184 -16.77 -13.45 -10.82
N GLU B 185 -15.77 -14.26 -11.18
CA GLU B 185 -16.08 -15.55 -11.75
C GLU B 185 -16.77 -16.43 -10.70
N GLY B 186 -16.32 -16.35 -9.46
CA GLY B 186 -16.94 -17.15 -8.42
C GLY B 186 -18.40 -16.78 -8.23
N VAL B 187 -18.68 -15.49 -8.23
CA VAL B 187 -20.04 -15.01 -8.08
C VAL B 187 -20.92 -15.48 -9.24
N ALA B 188 -20.41 -15.38 -10.46
CA ALA B 188 -21.19 -15.81 -11.61
C ALA B 188 -21.50 -17.30 -11.41
N PHE B 189 -20.50 -18.06 -10.99
CA PHE B 189 -20.68 -19.49 -10.81
C PHE B 189 -21.73 -19.79 -9.75
N VAL B 190 -21.74 -19.02 -8.67
CA VAL B 190 -22.73 -19.24 -7.62
C VAL B 190 -24.14 -18.84 -8.10
N LYS B 191 -24.26 -17.81 -8.92
CA LYS B 191 -25.57 -17.43 -9.39
C LYS B 191 -26.16 -18.49 -10.33
N ASP B 192 -25.32 -19.13 -11.14
CA ASP B 192 -25.82 -20.20 -12.04
C ASP B 192 -26.32 -21.40 -11.26
N VAL B 193 -25.70 -21.69 -10.13
CA VAL B 193 -26.12 -22.81 -9.30
C VAL B 193 -27.52 -22.50 -8.77
N GLY B 194 -27.75 -21.24 -8.39
CA GLY B 194 -29.07 -20.85 -7.91
C GLY B 194 -29.59 -21.54 -6.67
N LYS B 195 -28.75 -21.64 -5.65
CA LYS B 195 -29.14 -22.27 -4.40
C LYS B 195 -28.76 -21.30 -3.28
N ASN B 196 -29.62 -21.20 -2.27
CA ASN B 196 -29.38 -20.29 -1.17
C ASN B 196 -28.27 -20.74 -0.24
N ASN B 197 -27.94 -22.03 -0.24
CA ASN B 197 -26.87 -22.51 0.62
C ASN B 197 -25.54 -22.72 -0.12
N VAL B 198 -25.42 -22.19 -1.33
CA VAL B 198 -24.15 -22.30 -2.07
C VAL B 198 -23.59 -20.87 -2.11
N LYS B 199 -22.36 -20.71 -1.63
CA LYS B 199 -21.73 -19.41 -1.54
C LYS B 199 -20.33 -19.36 -2.15
N VAL B 200 -19.85 -18.13 -2.31
CA VAL B 200 -18.51 -17.85 -2.82
C VAL B 200 -17.54 -17.85 -1.65
N LEU B 202 -13.40 -16.70 -0.68
CA LEU B 202 -12.15 -16.05 -1.10
C LEU B 202 -11.02 -16.42 -0.13
N ASP B 203 -9.79 -16.31 -0.63
CA ASP B 203 -8.57 -16.64 0.11
C ASP B 203 -7.58 -15.55 -0.28
N THR B 204 -7.03 -14.84 0.70
CA THR B 204 -6.10 -13.74 0.42
C THR B 204 -4.88 -14.17 -0.41
N PHE B 205 -4.33 -15.34 -0.13
CA PHE B 205 -3.19 -15.84 -0.90
C PHE B 205 -3.57 -15.90 -2.39
N HIS B 206 -4.78 -16.37 -2.68
CA HIS B 206 -5.19 -16.46 -4.08
C HIS B 206 -5.56 -15.11 -4.67
N ASN B 208 -4.27 -12.32 -3.93
CA ASN B 208 -3.03 -11.60 -4.11
C ASN B 208 -2.45 -11.81 -5.48
N ILE B 209 -2.76 -12.96 -6.07
CA ILE B 209 -2.26 -13.21 -7.41
C ILE B 209 -3.22 -12.69 -8.50
N GLU B 210 -4.48 -13.12 -8.44
CA GLU B 210 -5.45 -12.81 -9.48
C GLU B 210 -6.25 -11.53 -9.50
N GLU B 211 -6.62 -11.05 -8.32
CA GLU B 211 -7.48 -9.88 -8.21
C GLU B 211 -6.86 -8.55 -8.50
N ASP B 212 -7.65 -7.71 -9.15
CA ASP B 212 -7.20 -6.37 -9.45
C ASP B 212 -7.19 -5.59 -8.11
N SER B 213 -8.14 -5.90 -7.24
CA SER B 213 -8.23 -5.22 -5.95
C SER B 213 -8.84 -6.09 -4.86
N PHE B 214 -8.21 -6.09 -3.68
CA PHE B 214 -8.74 -6.85 -2.56
C PHE B 214 -10.13 -6.35 -2.16
N GLY B 215 -10.22 -5.06 -1.86
CA GLY B 215 -11.48 -4.49 -1.47
C GLY B 215 -12.56 -4.71 -2.52
N ASP B 216 -12.23 -4.55 -3.80
CA ASP B 216 -13.24 -4.76 -4.82
C ASP B 216 -13.66 -6.24 -4.92
N ALA B 217 -12.69 -7.15 -4.84
CA ALA B 217 -13.03 -8.57 -4.92
C ALA B 217 -14.02 -8.92 -3.79
N ILE B 218 -13.73 -8.47 -2.57
CA ILE B 218 -14.59 -8.72 -1.44
C ILE B 218 -15.98 -8.08 -1.66
N ARG B 219 -16.02 -6.84 -2.14
CA ARG B 219 -17.29 -6.16 -2.41
C ARG B 219 -18.08 -6.85 -3.51
N THR B 220 -17.37 -7.47 -4.45
CA THR B 220 -17.99 -8.17 -5.54
C THR B 220 -18.68 -9.43 -4.97
N ALA B 221 -17.98 -10.15 -4.11
CA ALA B 221 -18.59 -11.32 -3.49
C ALA B 221 -19.85 -10.87 -2.71
N GLY B 222 -19.69 -9.79 -1.95
CA GLY B 222 -20.79 -9.23 -1.19
C GLY B 222 -21.53 -10.23 -0.35
N PRO B 223 -22.88 -10.27 -0.43
CA PRO B 223 -23.79 -11.16 0.30
C PRO B 223 -23.50 -12.62 0.02
N LEU B 224 -22.78 -12.90 -1.06
CA LEU B 224 -22.50 -14.29 -1.39
C LEU B 224 -21.28 -14.85 -0.73
N LEU B 225 -20.49 -14.00 -0.08
CA LEU B 225 -19.28 -14.46 0.60
C LEU B 225 -19.70 -15.34 1.77
N GLY B 226 -19.38 -16.63 1.73
CA GLY B 226 -19.78 -17.51 2.81
C GLY B 226 -18.67 -18.06 3.68
N HIS B 227 -17.42 -17.88 3.26
CA HIS B 227 -16.27 -18.40 4.00
C HIS B 227 -15.04 -17.62 3.56
N PHE B 228 -14.04 -17.51 4.42
CA PHE B 228 -12.87 -16.71 4.06
C PHE B 228 -11.57 -17.29 4.60
N HIS B 229 -10.55 -17.35 3.74
CA HIS B 229 -9.24 -17.86 4.11
C HIS B 229 -8.19 -16.74 4.04
N THR B 230 -7.28 -16.73 5.02
CA THR B 230 -6.25 -15.73 5.10
C THR B 230 -4.85 -16.29 5.28
N GLY B 231 -3.87 -15.49 4.84
CA GLY B 231 -2.46 -15.82 4.90
C GLY B 231 -1.71 -14.74 4.11
N GLU B 232 -0.41 -14.61 4.31
CA GLU B 232 0.36 -13.62 3.56
C GLU B 232 0.57 -14.16 2.13
N SER B 233 1.20 -13.36 1.27
CA SER B 233 1.46 -13.76 -0.10
C SER B 233 2.24 -15.07 -0.19
N ASN B 234 3.10 -15.37 0.78
CA ASN B 234 3.83 -16.63 0.71
C ASN B 234 3.34 -17.64 1.75
N ARG B 235 2.10 -17.43 2.20
CA ARG B 235 1.39 -18.27 3.16
C ARG B 235 1.82 -18.21 4.64
N ARG B 236 2.55 -17.17 5.02
CA ARG B 236 2.91 -17.03 6.42
C ARG B 236 1.64 -16.60 7.16
N VAL B 237 1.63 -16.69 8.50
CA VAL B 237 0.44 -16.30 9.24
C VAL B 237 0.11 -14.79 9.06
N PRO B 238 -1.17 -14.43 9.15
CA PRO B 238 -1.53 -13.02 8.99
C PRO B 238 -0.76 -12.11 9.96
N GLY B 239 -0.28 -10.98 9.46
CA GLY B 239 0.44 -10.03 10.30
C GLY B 239 1.95 -10.02 10.06
N LYS B 240 2.46 -11.04 9.40
CA LYS B 240 3.88 -11.12 9.10
C LYS B 240 4.25 -10.34 7.84
N GLY B 241 3.31 -10.21 6.91
CA GLY B 241 3.65 -9.56 5.65
C GLY B 241 2.97 -8.28 5.21
N ARG B 242 3.16 -7.99 3.93
CA ARG B 242 2.64 -6.76 3.29
C ARG B 242 1.19 -6.78 2.81
N PRO B 244 -2.61 -6.06 2.45
CA PRO B 244 -3.40 -4.86 2.78
C PRO B 244 -4.54 -5.21 3.76
N TRP B 245 -4.18 -5.72 4.94
CA TRP B 245 -5.16 -6.11 5.92
C TRP B 245 -6.16 -5.00 6.30
N HIS B 246 -5.70 -3.76 6.36
CA HIS B 246 -6.61 -2.71 6.73
C HIS B 246 -7.74 -2.61 5.71
N GLU B 247 -7.39 -2.61 4.43
CA GLU B 247 -8.36 -2.54 3.34
C GLU B 247 -9.27 -3.79 3.41
N ILE B 248 -8.67 -4.94 3.67
CA ILE B 248 -9.42 -6.17 3.73
C ILE B 248 -10.47 -6.14 4.83
N GLY B 249 -10.07 -5.67 6.01
CA GLY B 249 -10.99 -5.57 7.12
C GLY B 249 -12.10 -4.61 6.78
N LEU B 250 -11.76 -3.44 6.25
CA LEU B 250 -12.79 -2.47 5.90
C LEU B 250 -13.83 -3.07 4.94
N ALA B 251 -13.38 -3.74 3.88
CA ALA B 251 -14.30 -4.31 2.92
C ALA B 251 -15.16 -5.42 3.53
N LEU B 252 -14.58 -6.23 4.40
CA LEU B 252 -15.34 -7.32 5.03
C LEU B 252 -16.48 -6.68 5.83
N ARG B 253 -16.18 -5.54 6.43
CA ARG B 253 -17.18 -4.82 7.21
C ARG B 253 -18.20 -4.13 6.32
N ASP B 254 -17.78 -3.64 5.16
CA ASP B 254 -18.70 -3.01 4.21
C ASP B 254 -19.79 -4.00 3.85
N ILE B 255 -19.44 -5.27 3.63
CA ILE B 255 -20.45 -6.26 3.26
C ILE B 255 -21.03 -7.01 4.46
N ASN B 256 -20.87 -6.44 5.65
CA ASN B 256 -21.37 -7.03 6.89
C ASN B 256 -21.12 -8.52 6.93
N TYR B 257 -19.86 -8.90 6.81
CA TYR B 257 -19.50 -10.29 6.85
C TYR B 257 -19.44 -10.79 8.30
N THR B 258 -20.16 -11.86 8.60
CA THR B 258 -20.15 -12.42 9.95
C THR B 258 -19.84 -13.92 9.91
N GLY B 259 -19.27 -14.38 8.79
CA GLY B 259 -18.90 -15.78 8.67
C GLY B 259 -17.53 -16.00 9.31
N ALA B 260 -16.87 -17.09 8.96
CA ALA B 260 -15.57 -17.39 9.52
C ALA B 260 -14.40 -16.80 8.72
N VAL B 261 -13.33 -16.49 9.43
CA VAL B 261 -12.09 -16.00 8.84
C VAL B 261 -11.08 -17.02 9.36
N ILE B 262 -10.68 -17.94 8.48
CA ILE B 262 -9.75 -19.01 8.82
C ILE B 262 -8.37 -18.73 8.27
N GLU B 264 -4.85 -19.86 7.11
CA GLU B 264 -4.38 -21.11 6.57
C GLU B 264 -2.91 -20.97 6.20
N PRO B 265 -2.03 -20.93 7.22
CA PRO B 265 -0.59 -20.79 7.01
C PRO B 265 0.09 -22.13 6.73
N PHE B 266 1.02 -22.11 5.79
CA PHE B 266 1.79 -23.30 5.44
C PHE B 266 3.22 -22.77 5.41
N VAL B 267 3.95 -22.98 6.51
CA VAL B 267 5.30 -22.49 6.62
C VAL B 267 6.36 -23.56 6.82
N LYS B 268 5.95 -24.82 6.81
CA LYS B 268 6.89 -25.93 6.97
C LYS B 268 7.04 -26.76 5.71
N THR B 269 8.29 -27.03 5.34
CA THR B 269 8.61 -27.86 4.17
C THR B 269 8.36 -29.34 4.51
N GLY B 270 8.35 -30.19 3.49
CA GLY B 270 8.20 -31.63 3.73
C GLY B 270 6.81 -32.25 3.69
N GLY B 271 6.78 -33.57 3.48
CA GLY B 271 5.54 -34.31 3.44
C GLY B 271 4.64 -34.00 2.26
N THR B 272 3.45 -34.58 2.27
CA THR B 272 2.47 -34.37 1.22
C THR B 272 2.01 -32.91 1.21
N ILE B 273 1.95 -32.30 2.39
CA ILE B 273 1.51 -30.91 2.48
C ILE B 273 2.53 -29.99 1.83
N GLY B 274 3.79 -30.19 2.21
CA GLY B 274 4.85 -29.38 1.65
C GLY B 274 4.94 -29.47 0.14
N SER B 275 4.71 -30.65 -0.45
CA SER B 275 4.81 -30.74 -1.89
C SER B 275 3.51 -30.33 -2.58
N ASP B 276 2.38 -30.53 -1.91
CA ASP B 276 1.10 -30.15 -2.47
C ASP B 276 0.89 -28.63 -2.46
N ILE B 277 1.38 -27.98 -1.41
CA ILE B 277 1.25 -26.53 -1.28
C ILE B 277 2.48 -25.86 -1.89
N LYS B 278 3.46 -26.70 -2.24
CA LYS B 278 4.71 -26.25 -2.86
C LYS B 278 5.48 -25.35 -1.89
N VAL B 279 5.65 -25.83 -0.66
CA VAL B 279 6.42 -25.09 0.34
C VAL B 279 7.84 -25.64 0.17
N TRP B 280 8.63 -24.93 -0.64
CA TRP B 280 10.01 -25.37 -0.95
C TRP B 280 11.08 -24.87 0.00
N ARG B 281 10.74 -23.90 0.84
CA ARG B 281 11.70 -23.39 1.80
C ARG B 281 10.97 -23.17 3.12
N ASP B 282 11.71 -23.21 4.22
CA ASP B 282 11.10 -23.01 5.52
C ASP B 282 10.76 -21.51 5.72
N LEU B 283 9.56 -21.22 6.19
CA LEU B 283 9.17 -19.83 6.40
C LEU B 283 8.72 -19.58 7.84
N SER B 284 9.17 -20.43 8.75
CA SER B 284 8.78 -20.27 10.15
C SER B 284 9.96 -19.84 11.00
N GLY B 285 11.09 -19.59 10.35
CA GLY B 285 12.28 -19.19 11.09
C GLY B 285 12.78 -20.37 11.92
N GLY B 286 12.54 -21.59 11.44
CA GLY B 286 12.98 -22.76 12.18
C GLY B 286 12.27 -22.83 13.53
N ALA B 287 10.98 -22.49 13.53
CA ALA B 287 10.17 -22.47 14.74
C ALA B 287 9.87 -23.84 15.31
N ASP B 288 9.95 -23.95 16.63
CA ASP B 288 9.61 -25.21 17.28
C ASP B 288 8.10 -25.08 17.49
N ILE B 289 7.48 -26.04 18.13
CA ILE B 289 6.04 -25.97 18.33
C ILE B 289 5.60 -24.75 19.14
N ALA B 290 6.33 -24.43 20.20
CA ALA B 290 5.98 -23.28 21.03
C ALA B 290 5.94 -21.99 20.18
N LYS B 291 6.90 -21.85 19.27
CA LYS B 291 6.97 -20.67 18.41
C LYS B 291 5.82 -20.69 17.40
N ASP B 293 2.82 -22.00 17.88
CA ASP B 293 1.63 -21.59 18.62
C ASP B 293 1.67 -20.07 18.82
N GLU B 294 2.85 -19.55 19.13
CA GLU B 294 2.98 -18.12 19.37
C GLU B 294 2.58 -17.32 18.12
N ASP B 295 3.15 -17.66 16.97
CA ASP B 295 2.79 -16.97 15.76
C ASP B 295 1.28 -17.05 15.52
N ALA B 296 0.67 -18.21 15.80
CA ALA B 296 -0.76 -18.38 15.60
C ALA B 296 -1.54 -17.42 16.51
N ARG B 297 -1.20 -17.43 17.80
CA ARG B 297 -1.82 -16.57 18.81
C ARG B 297 -1.70 -15.10 18.43
N ASN B 298 -0.52 -14.71 17.94
CA ASN B 298 -0.30 -13.33 17.54
C ASN B 298 -1.09 -12.97 16.31
N ALA B 299 -1.18 -13.91 15.38
CA ALA B 299 -1.93 -13.70 14.14
C ALA B 299 -3.43 -13.53 14.49
N LEU B 300 -3.89 -14.32 15.46
CA LEU B 300 -5.27 -14.26 15.91
C LEU B 300 -5.55 -12.87 16.45
N ALA B 301 -4.74 -12.45 17.42
CA ALA B 301 -4.90 -11.12 18.03
C ALA B 301 -4.88 -10.04 16.92
N PHE B 302 -3.95 -10.20 15.97
CA PHE B 302 -3.82 -9.28 14.84
C PHE B 302 -5.10 -9.28 13.99
N SER B 303 -5.59 -10.45 13.62
CA SER B 303 -6.79 -10.53 12.81
C SER B 303 -8.01 -9.95 13.53
N ARG B 304 -8.15 -10.25 14.82
CA ARG B 304 -9.29 -9.73 15.54
C ARG B 304 -9.24 -8.20 15.55
N PHE B 305 -8.05 -7.67 15.78
CA PHE B 305 -7.87 -6.22 15.86
C PHE B 305 -8.00 -5.47 14.54
N VAL B 306 -7.42 -6.02 13.47
CA VAL B 306 -7.46 -5.34 12.19
C VAL B 306 -8.65 -5.70 11.34
N LEU B 307 -9.09 -6.97 11.41
CA LEU B 307 -10.21 -7.41 10.61
C LEU B 307 -11.59 -7.25 11.26
N GLY B 308 -11.74 -7.59 12.53
CA GLY B 308 -13.02 -7.43 13.17
C GLY B 308 -13.52 -8.56 14.06
N GLY B 309 -14.65 -8.30 14.73
CA GLY B 309 -15.23 -9.29 15.63
C GLY B 309 -14.65 -9.23 17.03
N LYS C 22 17.15 1.08 -19.27
CA LYS C 22 16.38 1.00 -20.50
C LYS C 22 15.13 0.12 -20.41
N HIS C 23 14.09 0.52 -21.14
CA HIS C 23 12.83 -0.19 -21.14
C HIS C 23 12.54 -0.97 -22.41
N GLY C 24 11.95 -2.14 -22.20
CA GLY C 24 11.59 -3.00 -23.30
C GLY C 24 10.33 -3.79 -22.99
N ILE C 25 9.89 -4.60 -23.95
CA ILE C 25 8.70 -5.41 -23.77
C ILE C 25 8.91 -6.73 -24.44
N TYR C 26 8.30 -7.78 -23.90
CA TYR C 26 8.42 -9.10 -24.50
C TYR C 26 7.38 -9.11 -25.64
N TYR C 27 7.84 -9.33 -26.87
CA TYR C 27 6.94 -9.29 -28.02
C TYR C 27 5.79 -10.29 -28.00
N SER C 28 5.95 -11.41 -27.33
CA SER C 28 4.85 -12.39 -27.29
C SER C 28 3.60 -11.81 -26.64
N TYR C 29 3.72 -10.58 -26.14
CA TYR C 29 2.60 -9.87 -25.54
C TYR C 29 1.45 -9.78 -26.55
N TRP C 30 1.83 -9.59 -27.81
CA TRP C 30 0.89 -9.47 -28.93
C TRP C 30 0.48 -10.80 -29.60
N GLU C 31 1.02 -11.92 -29.12
CA GLU C 31 0.72 -13.23 -29.73
C GLU C 31 -0.02 -14.23 -28.86
N HIS C 32 -0.54 -15.27 -29.50
CA HIS C 32 -1.26 -16.33 -28.81
C HIS C 32 -0.39 -17.60 -28.81
N GLU C 33 0.63 -17.62 -29.67
CA GLU C 33 1.51 -18.79 -29.79
C GLU C 33 2.98 -18.45 -29.70
N TRP C 34 3.75 -19.33 -29.06
CA TRP C 34 5.18 -19.12 -28.89
C TRP C 34 5.89 -19.17 -30.24
N SER C 35 5.27 -19.88 -31.19
CA SER C 35 5.85 -20.03 -32.55
C SER C 35 5.73 -18.81 -33.47
N ALA C 36 5.15 -17.71 -33.00
CA ALA C 36 5.04 -16.52 -33.83
C ALA C 36 6.41 -15.85 -33.97
N LYS C 37 6.75 -15.44 -35.20
CA LYS C 37 8.05 -14.82 -35.44
C LYS C 37 8.17 -13.41 -34.90
N PHE C 38 9.35 -13.07 -34.38
CA PHE C 38 9.55 -11.76 -33.81
C PHE C 38 10.05 -10.71 -34.80
N GLY C 39 10.61 -11.19 -35.92
CA GLY C 39 11.14 -10.29 -36.95
C GLY C 39 10.31 -9.05 -37.22
N PRO C 40 9.01 -9.18 -37.49
CA PRO C 40 8.11 -8.05 -37.77
C PRO C 40 7.86 -7.06 -36.61
N TYR C 41 8.19 -7.47 -35.40
CA TYR C 41 7.97 -6.62 -34.22
C TYR C 41 9.11 -5.65 -33.97
N ILE C 42 10.26 -5.88 -34.60
CA ILE C 42 11.41 -5.01 -34.41
C ILE C 42 11.00 -3.54 -34.65
N GLU C 43 10.45 -3.27 -35.82
CA GLU C 43 10.04 -1.90 -36.14
C GLU C 43 8.81 -1.46 -35.34
N LYS C 44 7.85 -2.37 -35.19
CA LYS C 44 6.62 -2.08 -34.44
C LYS C 44 6.96 -1.60 -33.02
N VAL C 45 7.71 -2.41 -32.30
CA VAL C 45 8.07 -2.05 -30.95
C VAL C 45 8.94 -0.80 -30.90
N ALA C 46 9.82 -0.63 -31.88
CA ALA C 46 10.67 0.55 -31.87
C ALA C 46 9.82 1.79 -32.05
N LYS C 47 8.84 1.73 -32.95
CA LYS C 47 7.97 2.89 -33.19
C LYS C 47 7.04 3.18 -32.02
N LEU C 48 6.85 2.20 -31.15
CA LEU C 48 6.02 2.43 -29.96
C LEU C 48 6.85 3.19 -28.93
N GLY C 49 8.16 3.27 -29.14
CA GLY C 49 9.00 4.00 -28.21
C GLY C 49 9.93 3.21 -27.32
N PHE C 50 9.88 1.89 -27.36
CA PHE C 50 10.76 1.10 -26.50
C PHE C 50 12.23 1.15 -26.89
N ASP C 51 13.09 0.92 -25.92
CA ASP C 51 14.53 0.89 -26.11
C ASP C 51 14.94 -0.53 -26.44
N ILE C 52 14.16 -1.49 -25.98
CA ILE C 52 14.49 -2.88 -26.14
C ILE C 52 13.27 -3.71 -26.52
N ILE C 53 13.51 -4.77 -27.29
CA ILE C 53 12.45 -5.72 -27.59
C ILE C 53 13.06 -7.03 -27.07
N GLU C 54 12.37 -7.73 -26.17
CA GLU C 54 12.92 -8.99 -25.71
C GLU C 54 12.36 -10.05 -26.65
N VAL C 55 13.16 -11.07 -26.87
CA VAL C 55 12.84 -12.11 -27.80
C VAL C 55 13.14 -13.47 -27.20
N ALA C 56 12.51 -14.52 -27.73
CA ALA C 56 12.75 -15.88 -27.24
C ALA C 56 13.99 -16.46 -27.93
N ALA C 57 14.92 -16.99 -27.14
CA ALA C 57 16.14 -17.55 -27.69
C ALA C 57 16.00 -18.81 -28.53
N HIS C 58 14.90 -19.54 -28.40
CA HIS C 58 14.73 -20.77 -29.20
C HIS C 58 14.45 -20.43 -30.68
N HIS C 59 13.72 -19.34 -30.92
CA HIS C 59 13.41 -18.89 -32.26
C HIS C 59 14.66 -18.55 -33.07
N ILE C 60 15.61 -17.87 -32.44
CA ILE C 60 16.87 -17.50 -33.09
C ILE C 60 17.54 -18.71 -33.72
N ASN C 61 17.43 -19.86 -33.06
CA ASN C 61 18.05 -21.09 -33.55
C ASN C 61 17.44 -21.60 -34.88
N GLU C 62 16.24 -21.14 -35.23
CA GLU C 62 15.61 -21.61 -36.47
C GLU C 62 15.85 -20.76 -37.71
N TYR C 63 16.64 -19.70 -37.58
CA TYR C 63 16.92 -18.82 -38.69
C TYR C 63 18.22 -19.11 -39.43
N SER C 64 18.24 -18.79 -40.72
CA SER C 64 19.43 -18.95 -41.55
C SER C 64 20.34 -17.77 -41.23
N ASP C 65 21.63 -17.89 -41.53
CA ASP C 65 22.56 -16.79 -41.24
C ASP C 65 22.12 -15.51 -41.90
N ALA C 66 21.57 -15.62 -43.11
CA ALA C 66 21.08 -14.46 -43.87
C ALA C 66 19.87 -13.80 -43.18
N GLU C 67 18.93 -14.60 -42.67
CA GLU C 67 17.78 -14.04 -41.98
C GLU C 67 18.29 -13.33 -40.73
N LEU C 68 19.21 -13.97 -40.00
CA LEU C 68 19.77 -13.37 -38.79
C LEU C 68 20.43 -12.04 -39.08
N ALA C 69 21.17 -11.99 -40.20
CA ALA C 69 21.85 -10.77 -40.63
C ALA C 69 20.83 -9.68 -40.92
N THR C 70 19.71 -10.08 -41.54
CA THR C 70 18.61 -9.18 -41.87
C THR C 70 18.03 -8.58 -40.57
N ILE C 71 17.78 -9.46 -39.60
CA ILE C 71 17.22 -9.07 -38.32
C ILE C 71 18.16 -8.13 -37.58
N ARG C 72 19.44 -8.49 -37.54
CA ARG C 72 20.41 -7.66 -36.85
C ARG C 72 20.46 -6.24 -37.40
N LYS C 73 20.38 -6.12 -38.72
CA LYS C 73 20.41 -4.83 -39.38
C LYS C 73 19.12 -4.04 -39.12
N SER C 74 17.99 -4.75 -39.07
CA SER C 74 16.69 -4.12 -38.84
C SER C 74 16.65 -3.47 -37.47
N ALA C 75 17.20 -4.15 -36.47
CA ALA C 75 17.22 -3.63 -35.12
C ALA C 75 18.07 -2.37 -35.07
N LYS C 76 19.24 -2.47 -35.70
CA LYS C 76 20.20 -1.38 -35.80
C LYS C 76 19.54 -0.18 -36.50
N ASP C 77 18.96 -0.41 -37.67
CA ASP C 77 18.31 0.68 -38.40
C ASP C 77 17.09 1.26 -37.68
N ASN C 78 16.54 0.53 -36.71
CA ASN C 78 15.38 1.04 -35.98
C ASN C 78 15.73 1.59 -34.60
N GLY C 79 17.03 1.67 -34.32
CA GLY C 79 17.50 2.18 -33.05
C GLY C 79 16.92 1.45 -31.86
N ILE C 80 16.98 0.12 -31.88
CA ILE C 80 16.45 -0.67 -30.78
C ILE C 80 17.31 -1.91 -30.49
N ILE C 81 17.50 -2.20 -29.21
CA ILE C 81 18.32 -3.32 -28.77
C ILE C 81 17.51 -4.60 -28.59
N LEU C 82 18.15 -5.73 -28.80
CA LEU C 82 17.51 -7.02 -28.63
C LEU C 82 18.02 -7.70 -27.39
N THR C 83 17.10 -8.22 -26.60
CA THR C 83 17.45 -8.91 -25.40
C THR C 83 16.75 -10.24 -25.54
N ALA C 84 17.21 -11.28 -24.85
CA ALA C 84 16.57 -12.58 -25.02
C ALA C 84 16.26 -13.37 -23.77
N GLY C 85 15.26 -14.23 -23.90
CA GLY C 85 14.84 -15.10 -22.80
C GLY C 85 15.06 -16.55 -23.21
N ILE C 86 15.26 -17.41 -22.23
CA ILE C 86 15.47 -18.83 -22.48
C ILE C 86 14.73 -19.67 -21.46
N GLY C 87 13.99 -20.66 -21.94
CA GLY C 87 13.29 -21.56 -21.05
C GLY C 87 13.75 -22.96 -21.38
N PRO C 88 14.83 -23.45 -20.76
CA PRO C 88 15.30 -24.81 -21.08
C PRO C 88 14.18 -25.83 -21.01
N SER C 89 14.26 -26.89 -21.81
CA SER C 89 13.22 -27.91 -21.77
C SER C 89 13.71 -29.05 -20.90
N LYS C 90 12.79 -29.93 -20.53
CA LYS C 90 13.08 -31.08 -19.69
C LYS C 90 14.20 -31.94 -20.25
N THR C 91 14.40 -31.86 -21.56
CA THR C 91 15.42 -32.63 -22.26
C THR C 91 16.78 -31.96 -22.26
N LYS C 92 16.79 -30.65 -22.01
CA LYS C 92 18.04 -29.91 -22.04
C LYS C 92 18.35 -29.17 -20.76
N ASN C 93 18.05 -29.72 -19.60
CA ASN C 93 18.34 -28.92 -18.44
C ASN C 93 19.61 -29.26 -17.68
N LEU C 94 20.39 -28.22 -17.44
CA LEU C 94 21.68 -28.32 -16.76
C LEU C 94 21.66 -28.93 -15.37
N SER C 95 20.48 -29.08 -14.76
CA SER C 95 20.41 -29.59 -13.40
C SER C 95 19.88 -31.01 -13.29
N SER C 96 19.65 -31.65 -14.42
CA SER C 96 19.13 -33.01 -14.38
C SER C 96 20.08 -34.00 -13.69
N GLU C 97 19.50 -35.00 -13.04
CA GLU C 97 20.27 -36.04 -12.36
C GLU C 97 20.95 -36.88 -13.45
N ASP C 98 20.31 -37.00 -14.61
CA ASP C 98 20.85 -37.76 -15.73
C ASP C 98 21.98 -37.00 -16.40
N ALA C 99 23.21 -37.49 -16.27
CA ALA C 99 24.35 -36.84 -16.90
C ALA C 99 24.17 -36.60 -18.40
N ALA C 100 23.44 -37.50 -19.07
CA ALA C 100 23.23 -37.35 -20.50
C ALA C 100 22.44 -36.09 -20.77
N VAL C 101 21.31 -35.93 -20.08
CA VAL C 101 20.50 -34.73 -20.22
C VAL C 101 21.38 -33.51 -19.97
N ARG C 102 22.17 -33.54 -18.89
CA ARG C 102 23.04 -32.41 -18.59
C ARG C 102 23.95 -32.07 -19.79
N ALA C 103 24.46 -33.11 -20.47
CA ALA C 103 25.34 -32.92 -21.62
C ALA C 103 24.57 -32.29 -22.78
N ALA C 104 23.35 -32.77 -22.98
CA ALA C 104 22.49 -32.21 -24.04
C ALA C 104 22.25 -30.73 -23.67
N GLY C 105 21.92 -30.50 -22.40
CA GLY C 105 21.70 -29.14 -21.91
C GLY C 105 22.92 -28.28 -22.23
N LYS C 106 24.12 -28.77 -21.95
CA LYS C 106 25.32 -27.99 -22.25
C LYS C 106 25.44 -27.69 -23.75
N ALA C 107 25.21 -28.71 -24.58
CA ALA C 107 25.27 -28.53 -26.02
C ALA C 107 24.22 -27.51 -26.48
N PHE C 108 22.99 -27.65 -25.94
CA PHE C 108 21.90 -26.74 -26.28
C PHE C 108 22.31 -25.30 -26.01
N PHE C 109 22.86 -25.05 -24.83
CA PHE C 109 23.26 -23.69 -24.48
C PHE C 109 24.36 -23.13 -25.36
N GLU C 110 25.40 -23.90 -25.60
CA GLU C 110 26.48 -23.38 -26.43
C GLU C 110 25.95 -22.98 -27.79
N ARG C 111 25.15 -23.87 -28.37
CA ARG C 111 24.55 -23.64 -29.68
C ARG C 111 23.74 -22.35 -29.65
N THR C 112 22.85 -22.24 -28.67
CA THR C 112 21.98 -21.08 -28.49
C THR C 112 22.77 -19.78 -28.31
N LEU C 113 23.75 -19.79 -27.42
CA LEU C 113 24.57 -18.60 -27.21
C LEU C 113 25.25 -18.15 -28.50
N SER C 114 25.75 -19.10 -29.29
CA SER C 114 26.41 -18.74 -30.55
C SER C 114 25.42 -17.94 -31.39
N ASN C 115 24.25 -18.52 -31.63
CA ASN C 115 23.20 -17.85 -32.40
C ASN C 115 22.79 -16.51 -31.79
N VAL C 116 22.68 -16.48 -30.47
CA VAL C 116 22.33 -15.25 -29.77
C VAL C 116 23.37 -14.18 -30.06
N ALA C 117 24.63 -14.59 -30.14
CA ALA C 117 25.70 -13.63 -30.43
C ALA C 117 25.62 -13.10 -31.87
N LYS C 118 25.09 -13.87 -32.79
CA LYS C 118 24.98 -13.40 -34.18
C LYS C 118 24.02 -12.21 -34.30
N LEU C 119 23.18 -12.01 -33.29
CA LEU C 119 22.22 -10.90 -33.28
C LEU C 119 22.69 -9.79 -32.37
N ASP C 120 23.92 -9.93 -31.88
CA ASP C 120 24.52 -8.93 -30.98
C ASP C 120 23.72 -8.77 -29.68
N ILE C 121 23.35 -9.89 -29.08
CA ILE C 121 22.58 -9.87 -27.86
C ILE C 121 23.54 -10.11 -26.71
N HIS C 122 23.46 -9.26 -25.69
CA HIS C 122 24.34 -9.35 -24.54
C HIS C 122 23.68 -9.77 -23.23
N THR C 123 22.38 -10.00 -23.28
CA THR C 123 21.63 -10.41 -22.11
C THR C 123 20.68 -11.58 -22.39
N ILE C 124 20.83 -12.64 -21.62
CA ILE C 124 20.02 -13.85 -21.74
C ILE C 124 19.50 -14.06 -20.33
N GLY C 125 18.19 -14.25 -20.21
CA GLY C 125 17.62 -14.43 -18.89
C GLY C 125 16.56 -15.52 -18.88
N GLY C 126 16.24 -15.98 -17.68
CA GLY C 126 15.24 -17.03 -17.56
C GLY C 126 15.72 -18.02 -16.53
N ALA C 127 15.03 -19.14 -16.43
CA ALA C 127 15.37 -20.18 -15.48
C ALA C 127 16.51 -21.06 -16.04
N LEU C 128 17.64 -20.45 -16.38
CA LEU C 128 18.76 -21.17 -16.98
C LEU C 128 19.29 -22.33 -16.15
N HIS C 129 18.97 -22.33 -14.86
CA HIS C 129 19.45 -23.36 -13.95
C HIS C 129 18.53 -24.56 -13.88
N SER C 130 17.42 -24.51 -14.59
CA SER C 130 16.44 -25.57 -14.51
C SER C 130 15.69 -25.72 -15.83
N TYR C 131 14.42 -26.11 -15.80
CA TYR C 131 13.65 -26.23 -17.02
C TYR C 131 12.26 -25.64 -16.82
N TRP C 132 11.58 -25.35 -17.92
CA TRP C 132 10.28 -24.71 -17.80
C TRP C 132 9.41 -24.93 -19.04
N PRO C 133 8.11 -25.23 -18.84
CA PRO C 133 7.45 -25.37 -17.53
C PRO C 133 8.06 -26.55 -16.79
N ILE C 134 7.79 -26.67 -15.50
CA ILE C 134 8.35 -27.77 -14.73
C ILE C 134 7.31 -28.83 -14.38
N ASP C 135 7.77 -30.06 -14.17
CA ASP C 135 6.87 -31.16 -13.85
C ASP C 135 6.93 -31.61 -12.40
N TYR C 136 5.89 -31.29 -11.64
CA TYR C 136 5.84 -31.69 -10.25
C TYR C 136 5.02 -32.94 -10.07
N SER C 137 5.19 -33.92 -10.97
CA SER C 137 4.46 -35.17 -10.87
C SER C 137 5.43 -36.20 -10.31
N GLN C 138 6.71 -35.84 -10.34
CA GLN C 138 7.76 -36.68 -9.80
C GLN C 138 8.35 -35.93 -8.63
N PRO C 139 8.71 -36.64 -7.55
CA PRO C 139 9.29 -35.94 -6.40
C PRO C 139 10.38 -35.00 -6.89
N VAL C 140 10.71 -34.01 -6.06
CA VAL C 140 11.75 -33.06 -6.42
C VAL C 140 12.92 -33.14 -5.45
N ASP C 141 14.11 -32.84 -5.99
CA ASP C 141 15.34 -32.87 -5.23
C ASP C 141 15.95 -31.49 -5.38
N LYS C 142 15.63 -30.62 -4.42
CA LYS C 142 16.07 -29.23 -4.39
C LYS C 142 17.59 -29.08 -4.19
N ALA C 143 18.11 -29.75 -3.16
CA ALA C 143 19.54 -29.67 -2.90
C ALA C 143 20.30 -30.25 -4.10
N GLY C 144 19.78 -31.34 -4.64
CA GLY C 144 20.43 -31.97 -5.78
C GLY C 144 20.39 -31.12 -7.05
N ASP C 145 19.22 -30.55 -7.34
CA ASP C 145 19.11 -29.75 -8.55
C ASP C 145 19.89 -28.46 -8.38
N TYR C 146 19.97 -27.98 -7.14
CA TYR C 146 20.68 -26.75 -6.86
C TYR C 146 22.17 -26.93 -7.16
N ALA C 147 22.78 -27.92 -6.48
CA ALA C 147 24.19 -28.21 -6.68
C ALA C 147 24.50 -28.44 -8.16
N ARG C 148 23.68 -29.23 -8.83
CA ARG C 148 23.89 -29.53 -10.25
C ARG C 148 23.75 -28.28 -11.13
N GLY C 149 22.76 -27.46 -10.81
CA GLY C 149 22.55 -26.24 -11.58
C GLY C 149 23.71 -25.28 -11.44
N VAL C 150 24.27 -25.17 -10.23
CA VAL C 150 25.40 -24.27 -10.03
C VAL C 150 26.55 -24.70 -10.92
N GLU C 151 26.90 -25.98 -10.86
CA GLU C 151 28.01 -26.49 -11.67
C GLU C 151 27.70 -26.33 -13.16
N GLY C 152 26.44 -26.61 -13.54
CA GLY C 152 26.04 -26.46 -14.93
C GLY C 152 26.14 -25.04 -15.45
N ILE C 153 25.72 -24.06 -14.66
CA ILE C 153 25.78 -22.66 -15.10
C ILE C 153 27.25 -22.20 -15.10
N ASN C 154 27.99 -22.65 -14.09
CA ASN C 154 29.42 -22.31 -14.00
C ASN C 154 30.07 -22.82 -15.29
N GLY C 155 29.71 -24.06 -15.65
CA GLY C 155 30.23 -24.72 -16.83
C GLY C 155 30.02 -24.06 -18.18
N ILE C 156 29.11 -23.08 -18.28
CA ILE C 156 28.90 -22.40 -19.56
C ILE C 156 29.13 -20.88 -19.47
N ALA C 157 29.51 -20.40 -18.28
CA ALA C 157 29.71 -18.98 -18.12
C ALA C 157 30.80 -18.38 -19.01
N ASP C 158 31.98 -19.00 -19.05
CA ASP C 158 33.08 -18.48 -19.87
C ASP C 158 32.75 -18.46 -21.35
N PHE C 159 32.10 -19.54 -21.81
CA PHE C 159 31.72 -19.65 -23.20
C PHE C 159 30.86 -18.45 -23.54
N ALA C 160 29.85 -18.21 -22.70
CA ALA C 160 28.95 -17.08 -22.87
C ALA C 160 29.72 -15.77 -22.74
N ASN C 161 30.65 -15.74 -21.81
CA ASN C 161 31.44 -14.53 -21.57
C ASN C 161 32.27 -14.12 -22.79
N ASP C 162 32.86 -15.12 -23.46
CA ASP C 162 33.67 -14.85 -24.64
C ASP C 162 32.81 -14.25 -25.74
N LEU C 163 31.50 -14.41 -25.61
CA LEU C 163 30.57 -13.87 -26.60
C LEU C 163 30.01 -12.53 -26.11
N GLY C 164 30.41 -12.13 -24.90
CA GLY C 164 29.95 -10.87 -24.32
C GLY C 164 28.51 -10.95 -23.81
N ILE C 165 28.15 -12.12 -23.30
CA ILE C 165 26.80 -12.38 -22.84
C ILE C 165 26.65 -12.64 -21.34
N ASN C 166 25.76 -11.90 -20.70
CA ASN C 166 25.50 -12.11 -19.28
C ASN C 166 24.36 -13.12 -19.16
N LEU C 167 24.48 -14.03 -18.21
CA LEU C 167 23.47 -15.05 -17.97
C LEU C 167 22.74 -14.62 -16.70
N CYS C 168 21.48 -14.23 -16.87
CA CYS C 168 20.67 -13.76 -15.75
C CYS C 168 19.71 -14.86 -15.28
N ILE C 169 19.96 -15.35 -14.07
CA ILE C 169 19.17 -16.42 -13.48
C ILE C 169 17.90 -15.86 -12.85
N GLU C 170 16.75 -16.22 -13.42
CA GLU C 170 15.48 -15.70 -12.95
C GLU C 170 14.89 -16.45 -11.77
N VAL C 171 14.51 -15.68 -10.75
CA VAL C 171 13.88 -16.21 -9.57
C VAL C 171 12.39 -16.30 -9.86
N LEU C 172 11.82 -17.50 -9.74
CA LEU C 172 10.40 -17.71 -10.02
C LEU C 172 9.60 -18.13 -8.79
N ASN C 173 8.29 -18.01 -8.87
CA ASN C 173 7.43 -18.40 -7.74
C ASN C 173 7.43 -19.92 -7.63
N ARG C 174 6.95 -20.40 -6.48
CA ARG C 174 6.90 -21.83 -6.17
C ARG C 174 6.21 -22.71 -7.19
N PHE C 175 5.27 -22.19 -7.96
CA PHE C 175 4.60 -23.03 -8.94
C PHE C 175 5.40 -23.22 -10.21
N GLU C 176 6.46 -22.46 -10.41
CA GLU C 176 7.22 -22.58 -11.64
C GLU C 176 8.67 -22.99 -11.49
N ASN C 177 9.14 -23.08 -10.25
CA ASN C 177 10.51 -23.52 -9.96
C ASN C 177 10.58 -23.90 -8.49
N HIS C 178 11.38 -24.92 -8.16
CA HIS C 178 11.47 -25.37 -6.78
C HIS C 178 12.83 -25.08 -6.14
N VAL C 179 13.74 -24.47 -6.90
CA VAL C 179 15.08 -24.19 -6.40
C VAL C 179 15.32 -22.74 -6.01
N LEU C 180 15.01 -21.81 -6.92
CA LEU C 180 15.20 -20.40 -6.62
C LEU C 180 13.84 -19.69 -6.64
N ASN C 181 13.33 -19.37 -5.46
CA ASN C 181 12.04 -18.70 -5.33
C ASN C 181 12.16 -17.32 -4.73
N THR C 182 13.33 -17.02 -4.20
CA THR C 182 13.55 -15.75 -3.53
C THR C 182 14.77 -15.00 -4.06
N ALA C 183 14.80 -13.69 -3.85
CA ALA C 183 15.94 -12.90 -4.27
C ALA C 183 17.15 -13.42 -3.49
N ALA C 184 16.96 -13.67 -2.19
CA ALA C 184 18.04 -14.17 -1.35
C ALA C 184 18.59 -15.47 -1.90
N GLU C 185 17.69 -16.40 -2.23
CA GLU C 185 18.15 -17.66 -2.80
C GLU C 185 18.84 -17.40 -4.14
N GLY C 186 18.34 -16.46 -4.93
CA GLY C 186 18.95 -16.19 -6.22
C GLY C 186 20.38 -15.66 -6.06
N VAL C 187 20.57 -14.79 -5.08
CA VAL C 187 21.88 -14.22 -4.83
C VAL C 187 22.86 -15.31 -4.38
N ALA C 188 22.40 -16.20 -3.53
CA ALA C 188 23.23 -17.28 -3.04
C ALA C 188 23.71 -18.14 -4.20
N PHE C 189 22.79 -18.46 -5.12
CA PHE C 189 23.11 -19.28 -6.27
C PHE C 189 24.17 -18.62 -7.18
N VAL C 190 23.96 -17.34 -7.50
CA VAL C 190 24.88 -16.63 -8.36
C VAL C 190 26.26 -16.58 -7.71
N LYS C 191 26.29 -16.48 -6.39
CA LYS C 191 27.55 -16.45 -5.67
C LYS C 191 28.26 -17.80 -5.73
N ASP C 192 27.55 -18.89 -5.49
CA ASP C 192 28.20 -20.19 -5.57
C ASP C 192 28.75 -20.40 -6.97
N VAL C 193 28.15 -19.71 -7.92
CA VAL C 193 28.61 -19.84 -9.29
C VAL C 193 29.97 -19.20 -9.45
N GLY C 194 30.12 -18.01 -8.87
CA GLY C 194 31.39 -17.31 -8.93
C GLY C 194 31.87 -16.86 -10.30
N LYS C 195 31.00 -16.26 -11.10
CA LYS C 195 31.36 -15.77 -12.43
C LYS C 195 30.90 -14.33 -12.59
N ASN C 196 31.70 -13.51 -13.25
CA ASN C 196 31.35 -12.12 -13.43
C ASN C 196 30.19 -11.86 -14.37
N ASN C 197 29.99 -12.74 -15.35
CA ASN C 197 28.91 -12.56 -16.30
C ASN C 197 27.64 -13.33 -15.95
N VAL C 198 27.57 -13.86 -14.73
CA VAL C 198 26.38 -14.56 -14.28
C VAL C 198 25.72 -13.67 -13.22
N LYS C 199 24.47 -13.28 -13.46
CA LYS C 199 23.74 -12.36 -12.58
C LYS C 199 22.40 -12.88 -12.10
N VAL C 200 21.79 -12.13 -11.18
CA VAL C 200 20.47 -12.47 -10.66
C VAL C 200 19.44 -11.67 -11.45
N LEU C 202 15.18 -10.57 -11.35
CA LEU C 202 13.94 -10.54 -10.61
C LEU C 202 12.78 -10.15 -11.51
N ASP C 203 11.58 -10.57 -11.11
CA ASP C 203 10.36 -10.35 -11.87
C ASP C 203 9.23 -10.01 -10.89
N THR C 204 8.63 -8.82 -11.03
CA THR C 204 7.57 -8.40 -10.14
C THR C 204 6.45 -9.43 -10.00
N PHE C 205 6.15 -10.12 -11.09
CA PHE C 205 5.10 -11.12 -11.01
C PHE C 205 5.44 -12.20 -9.97
N HIS C 206 6.67 -12.71 -10.05
CA HIS C 206 7.11 -13.77 -9.15
C HIS C 206 7.37 -13.23 -7.74
N ASN C 208 5.91 -10.80 -6.26
CA ASN C 208 4.62 -10.53 -5.66
C ASN C 208 4.09 -11.70 -4.85
N ILE C 209 4.43 -12.91 -5.28
CA ILE C 209 4.00 -14.11 -4.57
C ILE C 209 4.94 -14.49 -3.44
N GLU C 210 6.21 -14.69 -3.77
CA GLU C 210 7.20 -15.15 -2.80
C GLU C 210 7.89 -14.22 -1.80
N GLU C 211 8.17 -12.97 -2.17
CA GLU C 211 8.92 -12.06 -1.32
C GLU C 211 8.21 -11.45 -0.13
N ASP C 212 8.96 -11.21 0.94
CA ASP C 212 8.40 -10.55 2.12
C ASP C 212 8.19 -9.07 1.74
N SER C 213 9.14 -8.53 0.97
CA SER C 213 9.11 -7.14 0.53
C SER C 213 9.79 -6.88 -0.81
N PHE C 214 9.13 -6.15 -1.70
CA PHE C 214 9.70 -5.79 -3.02
C PHE C 214 11.03 -5.03 -2.86
N GLY C 215 11.01 -3.94 -2.11
CA GLY C 215 12.21 -3.16 -1.87
C GLY C 215 13.39 -3.97 -1.34
N ASP C 216 13.15 -4.80 -0.32
CA ASP C 216 14.24 -5.59 0.26
C ASP C 216 14.78 -6.61 -0.73
N ALA C 217 13.89 -7.15 -1.55
CA ALA C 217 14.27 -8.12 -2.58
C ALA C 217 15.21 -7.43 -3.58
N ILE C 218 14.82 -6.26 -4.08
CA ILE C 218 15.67 -5.56 -5.03
C ILE C 218 16.99 -5.12 -4.39
N ARG C 219 16.94 -4.69 -3.13
CA ARG C 219 18.16 -4.30 -2.43
C ARG C 219 19.03 -5.53 -2.13
N THR C 220 18.41 -6.68 -1.85
CA THR C 220 19.15 -7.90 -1.59
C THR C 220 19.92 -8.33 -2.86
N ALA C 221 19.33 -8.12 -4.04
CA ALA C 221 20.02 -8.48 -5.29
C ALA C 221 21.18 -7.50 -5.52
N GLY C 222 20.96 -6.22 -5.20
CA GLY C 222 22.00 -5.22 -5.33
C GLY C 222 22.83 -5.23 -6.60
N PRO C 223 24.17 -5.16 -6.48
CA PRO C 223 25.08 -5.15 -7.64
C PRO C 223 24.92 -6.38 -8.53
N LEU C 224 24.30 -7.44 -8.02
CA LEU C 224 24.12 -8.64 -8.83
C LEU C 224 22.89 -8.66 -9.74
N LEU C 225 21.93 -7.74 -9.54
CA LEU C 225 20.72 -7.68 -10.39
C LEU C 225 21.15 -7.44 -11.82
N GLY C 226 20.91 -8.38 -12.71
CA GLY C 226 21.31 -8.17 -14.09
C GLY C 226 20.21 -7.97 -15.11
N HIS C 227 18.99 -8.31 -14.73
CA HIS C 227 17.86 -8.20 -15.63
C HIS C 227 16.55 -8.10 -14.80
N PHE C 228 15.56 -7.41 -15.34
CA PHE C 228 14.37 -7.19 -14.56
C PHE C 228 13.10 -7.29 -15.40
N HIS C 229 12.15 -8.11 -14.92
CA HIS C 229 10.85 -8.27 -15.55
C HIS C 229 9.72 -7.58 -14.74
N THR C 230 8.78 -6.95 -15.45
CA THR C 230 7.68 -6.26 -14.78
C THR C 230 6.30 -6.64 -15.33
N GLY C 231 5.31 -6.54 -14.44
CA GLY C 231 3.92 -6.85 -14.75
C GLY C 231 3.12 -6.79 -13.45
N GLU C 232 1.81 -6.63 -13.53
CA GLU C 232 1.02 -6.59 -12.31
C GLU C 232 0.89 -8.02 -11.80
N SER C 233 0.23 -8.22 -10.66
CA SER C 233 0.10 -9.57 -10.09
C SER C 233 -0.57 -10.59 -10.99
N ASN C 234 -1.47 -10.12 -11.88
CA ASN C 234 -2.14 -11.04 -12.80
C ASN C 234 -1.60 -10.89 -14.23
N ARG C 235 -0.44 -10.23 -14.34
CA ARG C 235 0.28 -10.06 -15.60
C ARG C 235 -0.15 -9.01 -16.60
N ARG C 236 -0.93 -8.02 -16.18
CA ARG C 236 -1.31 -6.96 -17.09
C ARG C 236 -0.10 -6.01 -17.18
N VAL C 237 -0.15 -5.02 -18.09
CA VAL C 237 0.94 -4.05 -18.24
C VAL C 237 1.10 -3.23 -16.98
N PRO C 238 2.34 -2.86 -16.65
CA PRO C 238 2.64 -2.05 -15.45
C PRO C 238 1.83 -0.75 -15.45
N GLY C 239 1.18 -0.46 -14.34
CA GLY C 239 0.40 0.77 -14.26
C GLY C 239 -1.10 0.53 -14.17
N LYS C 240 -1.52 -0.68 -14.50
CA LYS C 240 -2.93 -1.08 -14.50
C LYS C 240 -3.32 -1.63 -13.12
N GLY C 241 -2.32 -1.96 -12.30
CA GLY C 241 -2.61 -2.57 -11.02
C GLY C 241 -2.07 -1.98 -9.74
N ARG C 242 -2.16 -2.77 -8.67
CA ARG C 242 -1.75 -2.36 -7.33
C ARG C 242 -0.29 -2.59 -6.95
N PRO C 244 3.48 -2.06 -6.05
CA PRO C 244 4.09 -0.88 -5.41
C PRO C 244 5.21 -0.28 -6.26
N TRP C 245 4.85 0.23 -7.42
CA TRP C 245 5.80 0.81 -8.37
C TRP C 245 6.70 1.90 -7.78
N HIS C 246 6.13 2.79 -6.99
CA HIS C 246 6.93 3.83 -6.39
C HIS C 246 8.06 3.16 -5.59
N GLU C 247 7.72 2.25 -4.71
CA GLU C 247 8.72 1.56 -3.90
C GLU C 247 9.74 0.81 -4.78
N ILE C 248 9.26 0.14 -5.83
CA ILE C 248 10.13 -0.60 -6.74
C ILE C 248 11.09 0.34 -7.47
N GLY C 249 10.62 1.51 -7.89
CA GLY C 249 11.47 2.45 -8.58
C GLY C 249 12.55 3.04 -7.66
N LEU C 250 12.17 3.31 -6.43
CA LEU C 250 13.10 3.87 -5.45
C LEU C 250 14.22 2.87 -5.17
N ALA C 251 13.87 1.59 -5.08
CA ALA C 251 14.86 0.57 -4.79
C ALA C 251 15.79 0.33 -5.99
N LEU C 252 15.22 0.34 -7.19
CA LEU C 252 16.03 0.16 -8.40
C LEU C 252 17.06 1.28 -8.49
N ARG C 253 16.62 2.50 -8.15
CA ARG C 253 17.51 3.66 -8.19
C ARG C 253 18.53 3.58 -7.08
N ASP C 254 18.08 3.09 -5.94
CA ASP C 254 18.92 2.94 -4.78
C ASP C 254 20.07 1.95 -5.01
N ILE C 255 19.88 0.95 -5.88
CA ILE C 255 21.00 0.05 -6.15
C ILE C 255 21.65 0.45 -7.47
N ASN C 256 21.27 1.60 -8.01
CA ASN C 256 21.84 2.12 -9.26
C ASN C 256 21.70 1.14 -10.40
N TYR C 257 20.51 0.58 -10.59
CA TYR C 257 20.29 -0.35 -11.68
C TYR C 257 20.28 0.41 -13.00
N THR C 258 21.13 0.00 -13.92
CA THR C 258 21.21 0.62 -15.22
C THR C 258 20.94 -0.48 -16.26
N GLY C 259 20.43 -1.61 -15.78
CA GLY C 259 20.13 -2.72 -16.67
C GLY C 259 18.82 -2.49 -17.39
N ALA C 260 18.25 -3.55 -17.96
CA ALA C 260 17.00 -3.44 -18.67
C ALA C 260 15.79 -3.71 -17.78
N VAL C 261 14.69 -3.01 -18.05
CA VAL C 261 13.43 -3.22 -17.34
C VAL C 261 12.48 -3.66 -18.46
N ILE C 262 12.19 -4.96 -18.51
CA ILE C 262 11.34 -5.56 -19.55
C ILE C 262 9.94 -5.89 -19.07
N GLU C 264 6.62 -7.76 -19.19
CA GLU C 264 6.27 -9.04 -19.76
C GLU C 264 4.78 -9.34 -19.50
N PRO C 265 3.88 -8.61 -20.18
CA PRO C 265 2.42 -8.76 -20.04
C PRO C 265 1.84 -9.93 -20.81
N PHE C 266 0.95 -10.66 -20.17
CA PHE C 266 0.27 -11.80 -20.78
C PHE C 266 -1.22 -11.65 -20.49
N VAL C 267 -1.93 -10.93 -21.34
CA VAL C 267 -3.35 -10.68 -21.12
C VAL C 267 -4.33 -11.41 -22.05
N LYS C 268 -3.83 -12.32 -22.89
CA LYS C 268 -4.67 -13.04 -23.84
C LYS C 268 -4.82 -14.54 -23.63
N THR C 269 -6.07 -15.01 -23.55
CA THR C 269 -6.34 -16.43 -23.38
C THR C 269 -6.24 -17.12 -24.73
N GLY C 270 -6.17 -18.45 -24.70
CA GLY C 270 -6.08 -19.20 -25.93
C GLY C 270 -4.65 -19.35 -26.42
N GLY C 271 -4.45 -20.36 -27.27
CA GLY C 271 -3.13 -20.60 -27.80
C GLY C 271 -2.21 -21.29 -26.82
N THR C 272 -1.01 -21.57 -27.29
CA THR C 272 -0.01 -22.22 -26.48
C THR C 272 0.40 -21.28 -25.36
N ILE C 273 0.53 -19.99 -25.67
CA ILE C 273 0.92 -19.02 -24.64
C ILE C 273 -0.14 -19.02 -23.53
N GLY C 274 -1.39 -18.99 -23.93
CA GLY C 274 -2.46 -18.99 -22.95
C GLY C 274 -2.38 -20.17 -21.98
N SER C 275 -2.16 -21.38 -22.50
CA SER C 275 -2.11 -22.56 -21.65
C SER C 275 -0.84 -22.65 -20.82
N ASP C 276 0.29 -22.25 -21.40
CA ASP C 276 1.56 -22.30 -20.66
C ASP C 276 1.66 -21.28 -19.54
N ILE C 277 1.18 -20.07 -19.79
CA ILE C 277 1.22 -19.01 -18.80
C ILE C 277 -0.03 -19.07 -17.89
N LYS C 278 -0.98 -19.94 -18.24
CA LYS C 278 -2.22 -20.12 -17.47
C LYS C 278 -3.11 -18.88 -17.40
N VAL C 279 -3.33 -18.26 -18.58
CA VAL C 279 -4.18 -17.09 -18.75
C VAL C 279 -5.56 -17.70 -19.11
N TRP C 280 -6.40 -17.92 -18.10
CA TRP C 280 -7.69 -18.56 -18.29
C TRP C 280 -8.91 -17.63 -18.48
N ARG C 281 -8.65 -16.33 -18.59
CA ARG C 281 -9.67 -15.32 -18.79
C ARG C 281 -8.94 -14.19 -19.50
N ASP C 282 -9.66 -13.41 -20.28
CA ASP C 282 -9.06 -12.30 -21.00
C ASP C 282 -8.85 -11.16 -20.03
N LEU C 283 -7.63 -10.64 -19.96
CA LEU C 283 -7.29 -9.54 -19.05
C LEU C 283 -6.95 -8.26 -19.81
N SER C 284 -7.28 -8.23 -21.10
CA SER C 284 -6.98 -7.06 -21.92
C SER C 284 -8.21 -6.19 -22.15
N GLY C 285 -9.36 -6.67 -21.67
CA GLY C 285 -10.59 -5.91 -21.83
C GLY C 285 -11.06 -5.98 -23.27
N GLY C 286 -10.83 -7.12 -23.92
CA GLY C 286 -11.22 -7.33 -25.31
C GLY C 286 -10.49 -6.41 -26.27
N ALA C 287 -9.26 -6.08 -25.93
CA ALA C 287 -8.43 -5.17 -26.71
C ALA C 287 -8.07 -5.62 -28.11
N ASP C 288 -8.26 -4.73 -29.08
CA ASP C 288 -7.86 -5.00 -30.46
C ASP C 288 -6.36 -4.67 -30.41
N ILE C 289 -5.64 -4.87 -31.52
CA ILE C 289 -4.20 -4.59 -31.51
C ILE C 289 -3.93 -3.14 -31.16
N ALA C 290 -4.77 -2.25 -31.66
CA ALA C 290 -4.59 -0.82 -31.39
C ALA C 290 -4.65 -0.53 -29.88
N LYS C 291 -5.55 -1.21 -29.19
CA LYS C 291 -5.70 -1.04 -27.75
C LYS C 291 -4.46 -1.62 -27.06
N ASP C 293 -1.45 -1.84 -28.18
CA ASP C 293 -0.34 -0.89 -28.34
C ASP C 293 -0.46 0.28 -27.40
N GLU C 294 -1.66 0.84 -27.32
CA GLU C 294 -1.90 1.97 -26.44
C GLU C 294 -1.52 1.54 -25.00
N ASP C 295 -1.99 0.38 -24.56
CA ASP C 295 -1.68 -0.07 -23.20
C ASP C 295 -0.17 -0.17 -23.00
N ALA C 296 0.52 -0.74 -24.00
CA ALA C 296 1.96 -0.90 -23.93
C ALA C 296 2.63 0.44 -23.90
N ARG C 297 2.15 1.35 -24.74
CA ARG C 297 2.72 2.68 -24.83
C ARG C 297 2.49 3.43 -23.52
N ASN C 298 1.31 3.29 -22.94
CA ASN C 298 1.04 4.00 -21.70
C ASN C 298 1.82 3.41 -20.53
N ALA C 299 2.01 2.09 -20.53
CA ALA C 299 2.76 1.42 -19.47
C ALA C 299 4.22 1.84 -19.56
N LEU C 300 4.66 2.09 -20.79
CA LEU C 300 6.02 2.50 -21.08
C LEU C 300 6.23 3.89 -20.50
N ALA C 301 5.30 4.80 -20.80
CA ALA C 301 5.40 6.17 -20.30
C ALA C 301 5.38 6.13 -18.75
N PHE C 302 4.50 5.30 -18.21
CA PHE C 302 4.34 5.10 -16.76
C PHE C 302 5.68 4.65 -16.12
N SER C 303 6.23 3.57 -16.67
CA SER C 303 7.48 2.98 -16.19
C SER C 303 8.66 3.97 -16.24
N ARG C 304 8.74 4.79 -17.28
CA ARG C 304 9.83 5.77 -17.38
C ARG C 304 9.65 6.84 -16.30
N PHE C 305 8.40 7.26 -16.10
CA PHE C 305 8.09 8.27 -15.12
C PHE C 305 8.24 7.79 -13.69
N VAL C 306 7.79 6.58 -13.39
CA VAL C 306 7.82 6.09 -12.01
C VAL C 306 9.06 5.30 -11.63
N LEU C 307 9.56 4.51 -12.57
CA LEU C 307 10.74 3.69 -12.30
C LEU C 307 12.06 4.37 -12.65
N GLY C 308 12.08 5.17 -13.71
CA GLY C 308 13.31 5.85 -14.09
C GLY C 308 13.69 5.70 -15.56
N GLY C 309 14.68 6.48 -16.00
CA GLY C 309 15.11 6.43 -17.38
C GLY C 309 14.43 7.48 -18.26
N LYS D 22 -12.47 14.73 -16.83
CA LYS D 22 -11.44 15.61 -17.39
C LYS D 22 -10.35 16.07 -16.42
N HIS D 23 -9.18 16.31 -16.99
CA HIS D 23 -8.01 16.70 -16.22
C HIS D 23 -7.54 18.15 -16.37
N GLY D 24 -7.19 18.74 -15.24
CA GLY D 24 -6.71 20.10 -15.24
C GLY D 24 -5.60 20.29 -14.24
N ILE D 25 -5.12 21.53 -14.13
CA ILE D 25 -4.07 21.88 -13.20
C ILE D 25 -4.30 23.32 -12.77
N TYR D 26 -3.99 23.60 -11.51
CA TYR D 26 -4.14 24.93 -10.94
C TYR D 26 -2.92 25.71 -11.43
N TYR D 27 -3.16 26.80 -12.17
CA TYR D 27 -2.06 27.56 -12.72
C TYR D 27 -1.00 28.08 -11.74
N SER D 28 -1.37 28.28 -10.48
CA SER D 28 -0.40 28.77 -9.49
C SER D 28 0.76 27.82 -9.28
N TYR D 29 0.68 26.65 -9.89
CA TYR D 29 1.76 25.69 -9.80
C TYR D 29 3.01 26.38 -10.28
N TRP D 30 2.84 27.32 -11.20
CA TRP D 30 3.94 28.06 -11.80
C TRP D 30 4.30 29.40 -11.13
N GLU D 31 3.42 29.91 -10.28
CA GLU D 31 3.68 31.20 -9.63
C GLU D 31 4.12 31.12 -8.18
N HIS D 32 4.43 32.28 -7.62
CA HIS D 32 4.83 32.38 -6.23
C HIS D 32 3.87 33.30 -5.49
N GLU D 33 3.02 33.99 -6.22
CA GLU D 33 2.07 34.91 -5.59
C GLU D 33 0.65 34.63 -6.06
N TRP D 34 -0.29 34.74 -5.13
CA TRP D 34 -1.67 34.51 -5.48
C TRP D 34 -2.14 35.58 -6.46
N SER D 35 -1.60 36.79 -6.31
CA SER D 35 -1.98 37.91 -7.18
C SER D 35 -1.34 37.89 -8.57
N ALA D 36 -1.15 36.70 -9.14
CA ALA D 36 -0.56 36.55 -10.46
C ALA D 36 -1.68 36.31 -11.44
N LYS D 37 -1.72 37.05 -12.54
CA LYS D 37 -2.78 36.89 -13.53
C LYS D 37 -2.62 35.62 -14.35
N PHE D 38 -3.73 34.93 -14.57
CA PHE D 38 -3.74 33.67 -15.31
C PHE D 38 -3.99 33.71 -16.82
N GLY D 39 -4.35 34.87 -17.35
CA GLY D 39 -4.61 34.99 -18.79
C GLY D 39 -3.67 34.25 -19.72
N PRO D 40 -2.37 34.53 -19.65
CA PRO D 40 -1.34 33.89 -20.49
C PRO D 40 -1.31 32.38 -20.31
N TYR D 41 -1.74 31.94 -19.14
CA TYR D 41 -1.74 30.52 -18.82
C TYR D 41 -2.75 29.66 -19.57
N ILE D 42 -3.80 30.29 -20.09
CA ILE D 42 -4.81 29.58 -20.83
C ILE D 42 -4.19 28.81 -22.01
N GLU D 43 -3.48 29.53 -22.87
CA GLU D 43 -2.84 28.88 -24.02
C GLU D 43 -1.70 27.94 -23.60
N LYS D 44 -0.88 28.35 -22.63
CA LYS D 44 0.23 27.52 -22.19
C LYS D 44 -0.24 26.16 -21.69
N VAL D 45 -1.26 26.18 -20.84
CA VAL D 45 -1.80 24.95 -20.27
C VAL D 45 -2.51 24.10 -21.33
N ALA D 46 -3.29 24.73 -22.20
CA ALA D 46 -4.00 24.00 -23.26
C ALA D 46 -2.96 23.23 -24.05
N LYS D 47 -1.89 23.93 -24.45
CA LYS D 47 -0.82 23.32 -25.20
C LYS D 47 -0.04 22.24 -24.46
N LEU D 48 -0.12 22.22 -23.14
CA LEU D 48 0.56 21.18 -22.38
C LEU D 48 -0.32 19.91 -22.41
N GLY D 49 -1.54 20.06 -22.94
CA GLY D 49 -2.42 18.92 -23.05
C GLY D 49 -3.58 18.76 -22.07
N PHE D 50 -3.74 19.69 -21.12
CA PHE D 50 -4.84 19.58 -20.16
C PHE D 50 -6.19 19.94 -20.77
N ASP D 51 -7.27 19.34 -20.26
CA ASP D 51 -8.62 19.62 -20.73
C ASP D 51 -9.14 20.85 -19.97
N ILE D 52 -8.54 21.10 -18.82
CA ILE D 52 -8.98 22.18 -17.96
C ILE D 52 -7.81 22.92 -17.33
N ILE D 53 -8.06 24.17 -16.96
CA ILE D 53 -7.09 24.97 -16.26
C ILE D 53 -7.92 25.58 -15.13
N GLU D 54 -7.48 25.44 -13.88
CA GLU D 54 -8.20 26.01 -12.77
C GLU D 54 -7.56 27.36 -12.44
N VAL D 55 -8.38 28.39 -12.27
CA VAL D 55 -7.92 29.73 -11.97
C VAL D 55 -8.40 30.23 -10.61
N ALA D 56 -7.89 31.38 -10.17
CA ALA D 56 -8.27 31.95 -8.88
C ALA D 56 -9.32 33.04 -9.05
N ALA D 57 -10.43 32.95 -8.32
CA ALA D 57 -11.52 33.92 -8.39
C ALA D 57 -11.11 35.34 -7.95
N HIS D 58 -10.22 35.42 -6.96
CA HIS D 58 -9.70 36.72 -6.45
C HIS D 58 -9.53 37.70 -7.62
N HIS D 59 -8.86 37.22 -8.66
CA HIS D 59 -8.57 37.99 -9.87
C HIS D 59 -9.79 38.32 -10.73
N ILE D 60 -10.61 37.30 -10.97
CA ILE D 60 -11.80 37.43 -11.79
C ILE D 60 -12.64 38.69 -11.47
N ASN D 61 -12.63 39.13 -10.22
CA ASN D 61 -13.40 40.31 -9.83
C ASN D 61 -12.73 41.61 -10.26
N GLU D 62 -11.44 41.53 -10.57
CA GLU D 62 -10.64 42.70 -10.97
C GLU D 62 -10.74 43.04 -12.45
N TYR D 63 -10.62 42.02 -13.30
CA TYR D 63 -10.70 42.21 -14.74
C TYR D 63 -11.99 42.93 -15.13
N SER D 64 -11.96 43.60 -16.27
CA SER D 64 -13.12 44.33 -16.78
C SER D 64 -13.97 43.35 -17.57
N ASP D 65 -15.20 43.73 -17.88
CA ASP D 65 -16.08 42.87 -18.65
C ASP D 65 -15.48 42.63 -20.03
N ALA D 66 -14.62 43.55 -20.46
CA ALA D 66 -13.95 43.45 -21.75
C ALA D 66 -12.79 42.46 -21.67
N GLU D 67 -11.95 42.60 -20.64
CA GLU D 67 -10.82 41.68 -20.45
C GLU D 67 -11.36 40.28 -20.22
N LEU D 68 -12.50 40.20 -19.53
CA LEU D 68 -13.12 38.91 -19.26
C LEU D 68 -13.53 38.20 -20.55
N ALA D 69 -14.12 38.93 -21.48
CA ALA D 69 -14.55 38.32 -22.74
C ALA D 69 -13.34 37.86 -23.53
N THR D 70 -12.22 38.55 -23.35
CA THR D 70 -10.99 38.19 -24.05
C THR D 70 -10.50 36.84 -23.54
N ILE D 71 -10.54 36.65 -22.22
CA ILE D 71 -10.13 35.38 -21.61
C ILE D 71 -11.04 34.26 -22.11
N ARG D 72 -12.34 34.46 -21.98
CA ARG D 72 -13.34 33.50 -22.43
C ARG D 72 -13.00 33.06 -23.87
N LYS D 73 -12.72 34.04 -24.72
CA LYS D 73 -12.37 33.80 -26.14
C LYS D 73 -11.11 32.94 -26.28
N SER D 74 -10.06 33.32 -25.54
CA SER D 74 -8.79 32.61 -25.55
C SER D 74 -8.95 31.14 -25.20
N ALA D 75 -9.80 30.85 -24.21
CA ALA D 75 -10.04 29.48 -23.78
C ALA D 75 -10.79 28.70 -24.85
N LYS D 76 -11.80 29.34 -25.43
CA LYS D 76 -12.59 28.70 -26.48
C LYS D 76 -11.66 28.44 -27.68
N ASP D 77 -10.81 29.42 -28.00
CA ASP D 77 -9.88 29.27 -29.12
C ASP D 77 -8.88 28.13 -28.89
N ASN D 78 -8.36 28.03 -27.69
CA ASN D 78 -7.41 26.96 -27.37
C ASN D 78 -8.11 25.67 -26.96
N GLY D 79 -9.43 25.66 -27.09
CA GLY D 79 -10.22 24.50 -26.74
C GLY D 79 -9.93 23.98 -25.34
N ILE D 80 -10.13 24.82 -24.35
CA ILE D 80 -9.89 24.38 -22.98
C ILE D 80 -10.96 24.96 -22.08
N ILE D 81 -11.37 24.18 -21.09
CA ILE D 81 -12.39 24.56 -20.12
C ILE D 81 -11.74 25.20 -18.90
N LEU D 82 -12.41 26.18 -18.30
CA LEU D 82 -11.89 26.82 -17.10
C LEU D 82 -12.73 26.42 -15.90
N THR D 83 -12.04 26.29 -14.77
CA THR D 83 -12.65 25.92 -13.52
C THR D 83 -12.06 26.88 -12.49
N ALA D 84 -12.79 27.16 -11.41
CA ALA D 84 -12.28 28.12 -10.43
C ALA D 84 -12.28 27.70 -8.98
N GLY D 85 -11.29 28.23 -8.27
CA GLY D 85 -11.16 27.97 -6.85
C GLY D 85 -11.28 29.28 -6.09
N ILE D 86 -11.95 29.25 -4.94
CA ILE D 86 -12.11 30.45 -4.12
C ILE D 86 -11.67 30.24 -2.67
N GLY D 87 -10.95 31.22 -2.16
CA GLY D 87 -10.50 31.20 -0.78
C GLY D 87 -11.07 32.48 -0.18
N PRO D 88 -12.28 32.42 0.42
CA PRO D 88 -12.97 33.56 1.03
C PRO D 88 -12.13 34.14 2.14
N SER D 89 -12.19 35.46 2.34
CA SER D 89 -11.41 36.10 3.40
C SER D 89 -12.18 36.16 4.71
N LYS D 90 -11.50 36.35 5.83
CA LYS D 90 -12.21 36.39 7.08
C LYS D 90 -13.17 37.58 7.21
N THR D 91 -13.07 38.57 6.32
CA THR D 91 -13.97 39.73 6.37
C THR D 91 -15.17 39.49 5.49
N LYS D 92 -15.12 38.43 4.70
CA LYS D 92 -16.21 38.12 3.81
C LYS D 92 -16.54 36.63 3.78
N ASN D 93 -16.95 36.06 4.91
CA ASN D 93 -17.26 34.65 4.96
C ASN D 93 -18.65 34.33 5.54
N LEU D 94 -19.32 33.39 4.90
CA LEU D 94 -20.66 32.96 5.26
C LEU D 94 -20.82 32.33 6.63
N SER D 95 -19.74 31.93 7.28
CA SER D 95 -19.91 31.28 8.57
C SER D 95 -19.65 32.19 9.77
N SER D 96 -19.34 33.44 9.48
CA SER D 96 -19.03 34.39 10.53
C SER D 96 -20.14 34.64 11.56
N GLU D 97 -19.74 34.67 12.83
CA GLU D 97 -20.67 34.93 13.93
C GLU D 97 -21.24 36.32 13.71
N ASP D 98 -20.44 37.20 13.13
CA ASP D 98 -20.87 38.56 12.87
C ASP D 98 -21.82 38.62 11.68
N ALA D 99 -23.00 39.19 11.89
CA ALA D 99 -23.98 39.29 10.82
C ALA D 99 -23.54 40.21 9.67
N ALA D 100 -22.78 41.26 9.99
CA ALA D 100 -22.30 42.21 8.96
C ALA D 100 -21.39 41.47 7.98
N VAL D 101 -20.51 40.63 8.53
CA VAL D 101 -19.59 39.83 7.74
C VAL D 101 -20.37 38.83 6.87
N ARG D 102 -21.33 38.13 7.45
CA ARG D 102 -22.08 37.17 6.62
C ARG D 102 -22.73 37.86 5.44
N ALA D 103 -23.20 39.09 5.65
CA ALA D 103 -23.85 39.85 4.58
C ALA D 103 -22.83 40.21 3.50
N ALA D 104 -21.64 40.64 3.91
CA ALA D 104 -20.57 40.96 2.96
C ALA D 104 -20.22 39.70 2.18
N GLY D 105 -20.21 38.57 2.88
CA GLY D 105 -19.90 37.31 2.22
C GLY D 105 -20.87 36.96 1.09
N LYS D 106 -22.16 37.06 1.39
CA LYS D 106 -23.17 36.76 0.38
C LYS D 106 -23.01 37.72 -0.80
N ALA D 107 -22.74 38.99 -0.49
CA ALA D 107 -22.55 40.03 -1.52
C ALA D 107 -21.30 39.74 -2.34
N PHE D 108 -20.26 39.29 -1.65
CA PHE D 108 -19.01 38.94 -2.30
C PHE D 108 -19.26 37.73 -3.22
N PHE D 109 -20.08 36.79 -2.76
CA PHE D 109 -20.33 35.61 -3.56
C PHE D 109 -21.18 35.83 -4.77
N GLU D 110 -22.21 36.68 -4.66
CA GLU D 110 -23.07 36.94 -5.80
C GLU D 110 -22.23 37.66 -6.85
N ARG D 111 -21.47 38.66 -6.39
CA ARG D 111 -20.61 39.43 -7.28
C ARG D 111 -19.63 38.50 -8.01
N THR D 112 -18.93 37.67 -7.25
CA THR D 112 -17.97 36.73 -7.83
C THR D 112 -18.67 35.80 -8.81
N LEU D 113 -19.74 35.16 -8.35
CA LEU D 113 -20.49 34.23 -9.19
C LEU D 113 -20.92 34.87 -10.50
N SER D 114 -21.29 36.14 -10.47
CA SER D 114 -21.71 36.81 -11.70
C SER D 114 -20.54 36.90 -12.66
N ASN D 115 -19.36 37.21 -12.13
CA ASN D 115 -18.17 37.32 -12.96
C ASN D 115 -17.64 35.97 -13.45
N VAL D 116 -17.77 34.96 -12.60
CA VAL D 116 -17.33 33.61 -12.95
C VAL D 116 -18.12 33.14 -14.16
N ALA D 117 -19.40 33.48 -14.18
CA ALA D 117 -20.27 33.08 -15.26
C ALA D 117 -19.87 33.73 -16.58
N LYS D 118 -19.26 34.91 -16.51
CA LYS D 118 -18.82 35.62 -17.71
C LYS D 118 -17.68 34.85 -18.40
N LEU D 119 -16.93 34.06 -17.62
CA LEU D 119 -15.84 33.26 -18.16
C LEU D 119 -16.33 31.87 -18.53
N ASP D 120 -17.66 31.71 -18.56
CA ASP D 120 -18.26 30.43 -18.90
C ASP D 120 -17.85 29.30 -17.94
N ILE D 121 -17.60 29.66 -16.68
CA ILE D 121 -17.20 28.69 -15.65
C ILE D 121 -18.41 28.10 -14.91
N HIS D 122 -18.44 26.77 -14.79
CA HIS D 122 -19.56 26.08 -14.15
C HIS D 122 -19.25 25.37 -12.84
N THR D 123 -17.99 25.45 -12.38
CA THR D 123 -17.57 24.80 -11.14
C THR D 123 -16.67 25.69 -10.29
N ILE D 124 -17.09 25.96 -9.07
CA ILE D 124 -16.30 26.73 -8.11
C ILE D 124 -16.07 25.86 -6.89
N GLY D 125 -14.82 25.73 -6.47
CA GLY D 125 -14.52 24.92 -5.31
C GLY D 125 -13.68 25.66 -4.31
N GLY D 126 -13.59 25.11 -3.11
CA GLY D 126 -12.81 25.72 -2.06
C GLY D 126 -13.55 25.61 -0.76
N ALA D 127 -13.05 26.32 0.26
CA ALA D 127 -13.69 26.28 1.57
C ALA D 127 -14.76 27.35 1.56
N LEU D 128 -15.72 27.16 0.67
CA LEU D 128 -16.83 28.09 0.46
C LEU D 128 -17.69 28.30 1.71
N HIS D 129 -17.63 27.34 2.62
CA HIS D 129 -18.42 27.37 3.85
C HIS D 129 -17.70 28.09 4.98
N SER D 130 -16.49 28.54 4.71
CA SER D 130 -15.69 29.18 5.75
C SER D 130 -14.75 30.20 5.09
N TYR D 131 -13.52 30.35 5.59
CA TYR D 131 -12.55 31.26 4.97
C TYR D 131 -11.16 30.61 5.05
N TRP D 132 -10.28 30.99 4.14
CA TRP D 132 -8.96 30.40 4.08
C TRP D 132 -8.01 31.51 3.68
N PRO D 133 -6.78 31.53 4.22
CA PRO D 133 -6.11 30.63 5.18
C PRO D 133 -6.87 30.08 6.39
N ILE D 134 -7.15 30.93 7.39
CA ILE D 134 -7.84 30.52 8.63
C ILE D 134 -7.00 31.03 9.80
N ASP D 135 -7.62 31.25 10.95
CA ASP D 135 -6.90 31.78 12.10
C ASP D 135 -7.22 31.09 13.42
N TYR D 136 -6.29 30.30 13.94
CA TYR D 136 -6.51 29.59 15.20
C TYR D 136 -5.94 30.27 16.44
N SER D 137 -5.65 31.56 16.33
CA SER D 137 -5.11 32.30 17.47
C SER D 137 -6.25 32.49 18.47
N GLN D 138 -7.47 32.54 17.95
CA GLN D 138 -8.68 32.71 18.76
C GLN D 138 -9.41 31.38 18.96
N PRO D 139 -10.29 31.30 19.97
CA PRO D 139 -11.05 30.07 20.22
C PRO D 139 -11.96 29.79 19.02
N VAL D 140 -12.32 28.53 18.86
CA VAL D 140 -13.15 28.13 17.75
C VAL D 140 -14.55 27.73 18.18
N ASP D 141 -15.51 28.01 17.31
CA ASP D 141 -16.93 27.68 17.53
C ASP D 141 -17.34 26.78 16.36
N LYS D 142 -16.99 25.51 16.49
CA LYS D 142 -17.28 24.53 15.45
C LYS D 142 -18.76 24.38 15.09
N ALA D 143 -19.60 24.08 16.08
CA ALA D 143 -21.03 23.93 15.81
C ALA D 143 -21.64 25.22 15.21
N GLY D 144 -21.30 26.37 15.77
CA GLY D 144 -21.81 27.63 15.27
C GLY D 144 -21.42 27.87 13.82
N ASP D 145 -20.13 27.74 13.51
CA ASP D 145 -19.62 27.93 12.15
C ASP D 145 -20.25 26.95 11.16
N TYR D 146 -20.41 25.70 11.57
CA TYR D 146 -21.01 24.70 10.69
C TYR D 146 -22.46 25.14 10.37
N ALA D 147 -23.19 25.53 11.41
CA ALA D 147 -24.60 25.95 11.27
C ALA D 147 -24.76 27.13 10.33
N ARG D 148 -24.03 28.22 10.58
CA ARG D 148 -24.14 29.39 9.70
C ARG D 148 -23.69 29.01 8.29
N GLY D 149 -22.67 28.16 8.21
CA GLY D 149 -22.16 27.75 6.92
C GLY D 149 -23.26 27.12 6.08
N VAL D 150 -24.04 26.22 6.70
CA VAL D 150 -25.13 25.59 5.98
C VAL D 150 -26.13 26.65 5.50
N GLU D 151 -26.59 27.50 6.41
CA GLU D 151 -27.54 28.54 6.03
C GLU D 151 -26.95 29.46 4.95
N GLY D 152 -25.71 29.89 5.16
CA GLY D 152 -25.06 30.76 4.22
C GLY D 152 -24.96 30.17 2.82
N ILE D 153 -24.49 28.92 2.73
CA ILE D 153 -24.37 28.28 1.41
C ILE D 153 -25.76 28.09 0.84
N ASN D 154 -26.72 27.71 1.68
CA ASN D 154 -28.08 27.55 1.22
C ASN D 154 -28.53 28.90 0.65
N GLY D 155 -28.16 29.96 1.36
CA GLY D 155 -28.50 31.31 0.94
C GLY D 155 -28.06 31.72 -0.45
N ILE D 156 -26.98 31.14 -0.98
CA ILE D 156 -26.49 31.53 -2.31
C ILE D 156 -26.59 30.45 -3.38
N ALA D 157 -27.05 29.27 -3.00
CA ALA D 157 -27.17 28.17 -3.94
C ALA D 157 -27.96 28.52 -5.21
N ASP D 158 -29.18 29.04 -5.02
CA ASP D 158 -30.05 29.39 -6.15
C ASP D 158 -29.39 30.42 -7.07
N PHE D 159 -28.82 31.46 -6.48
CA PHE D 159 -28.17 32.48 -7.27
C PHE D 159 -27.14 31.84 -8.20
N ALA D 160 -26.37 30.90 -7.65
CA ALA D 160 -25.34 30.18 -8.40
C ALA D 160 -25.99 29.24 -9.40
N ASN D 161 -27.04 28.56 -8.96
CA ASN D 161 -27.71 27.63 -9.84
C ASN D 161 -28.32 28.35 -11.04
N ASP D 162 -28.81 29.56 -10.82
CA ASP D 162 -29.37 30.29 -11.96
C ASP D 162 -28.31 30.48 -13.04
N LEU D 163 -27.07 30.69 -12.59
CA LEU D 163 -25.93 30.88 -13.47
C LEU D 163 -25.32 29.59 -14.01
N GLY D 164 -25.89 28.45 -13.64
CA GLY D 164 -25.34 27.19 -14.12
C GLY D 164 -24.07 26.77 -13.38
N ILE D 165 -23.93 27.22 -12.13
CA ILE D 165 -22.74 26.91 -11.34
C ILE D 165 -22.95 25.98 -10.14
N ASN D 166 -22.07 24.99 -10.01
CA ASN D 166 -22.10 24.06 -8.88
C ASN D 166 -21.11 24.59 -7.84
N LEU D 167 -21.53 24.62 -6.58
CA LEU D 167 -20.66 25.07 -5.51
C LEU D 167 -20.08 23.81 -4.84
N CYS D 168 -18.80 23.57 -5.02
CA CYS D 168 -18.17 22.38 -4.45
C CYS D 168 -17.45 22.73 -3.14
N ILE D 169 -17.96 22.19 -2.03
CA ILE D 169 -17.43 22.46 -0.70
C ILE D 169 -16.20 21.60 -0.42
N GLU D 170 -15.03 22.22 -0.36
CA GLU D 170 -13.83 21.41 -0.15
C GLU D 170 -13.54 20.95 1.28
N VAL D 171 -13.30 19.66 1.43
CA VAL D 171 -12.96 19.08 2.72
C VAL D 171 -11.43 19.23 2.90
N LEU D 172 -11.00 19.86 3.98
CA LEU D 172 -9.57 20.09 4.22
C LEU D 172 -9.10 19.49 5.54
N ASN D 173 -7.78 19.36 5.66
CA ASN D 173 -7.18 18.83 6.88
C ASN D 173 -7.32 19.79 8.08
N ARG D 174 -7.19 19.21 9.27
CA ARG D 174 -7.34 19.91 10.55
C ARG D 174 -6.54 21.20 10.70
N PHE D 175 -5.41 21.29 10.02
CA PHE D 175 -4.57 22.48 10.12
C PHE D 175 -5.13 23.62 9.30
N GLU D 176 -6.00 23.31 8.33
CA GLU D 176 -6.53 24.35 7.47
C GLU D 176 -8.00 24.68 7.63
N ASN D 177 -8.74 23.80 8.28
CA ASN D 177 -10.17 24.03 8.55
C ASN D 177 -10.57 23.23 9.78
N HIS D 178 -11.53 23.77 10.52
CA HIS D 178 -12.00 23.14 11.75
C HIS D 178 -13.43 22.58 11.66
N VAL D 179 -14.10 22.81 10.54
CA VAL D 179 -15.47 22.34 10.38
C VAL D 179 -15.63 21.01 9.65
N LEU D 180 -15.18 20.96 8.40
CA LEU D 180 -15.29 19.76 7.57
C LEU D 180 -13.90 19.16 7.31
N ASN D 181 -13.59 18.06 7.98
CA ASN D 181 -12.30 17.43 7.83
C ASN D 181 -12.34 16.08 7.14
N THR D 182 -13.53 15.50 6.98
CA THR D 182 -13.65 14.20 6.32
C THR D 182 -14.74 14.23 5.26
N ALA D 183 -14.74 13.20 4.41
CA ALA D 183 -15.74 13.09 3.37
C ALA D 183 -17.11 12.92 4.06
N ALA D 184 -17.17 12.13 5.13
CA ALA D 184 -18.45 11.95 5.83
C ALA D 184 -18.97 13.32 6.31
N GLU D 185 -18.12 14.15 6.91
CA GLU D 185 -18.58 15.45 7.37
C GLU D 185 -18.98 16.30 6.18
N GLY D 186 -18.20 16.21 5.11
CA GLY D 186 -18.52 16.98 3.93
C GLY D 186 -19.91 16.61 3.40
N VAL D 187 -20.19 15.32 3.37
CA VAL D 187 -21.46 14.83 2.90
C VAL D 187 -22.58 15.27 3.83
N ALA D 188 -22.34 15.22 5.13
CA ALA D 188 -23.35 15.61 6.10
C ALA D 188 -23.69 17.07 5.84
N PHE D 189 -22.66 17.88 5.61
CA PHE D 189 -22.85 19.31 5.36
C PHE D 189 -23.62 19.56 4.05
N VAL D 190 -23.26 18.85 3.01
CA VAL D 190 -23.94 19.02 1.74
C VAL D 190 -25.41 18.60 1.85
N LYS D 191 -25.68 17.59 2.66
CA LYS D 191 -27.06 17.15 2.82
C LYS D 191 -27.87 18.16 3.62
N ASP D 192 -27.29 18.73 4.69
CA ASP D 192 -28.00 19.73 5.48
C ASP D 192 -28.25 20.99 4.64
N VAL D 193 -27.48 21.19 3.58
CA VAL D 193 -27.70 22.34 2.71
C VAL D 193 -28.95 22.08 1.88
N GLY D 194 -29.05 20.88 1.33
CA GLY D 194 -30.21 20.51 0.55
C GLY D 194 -30.42 21.19 -0.79
N LYS D 195 -29.34 21.40 -1.52
CA LYS D 195 -29.43 22.01 -2.84
C LYS D 195 -28.78 21.10 -3.88
N ASN D 196 -29.41 20.96 -5.04
CA ASN D 196 -28.89 20.09 -6.09
C ASN D 196 -27.54 20.48 -6.65
N ASN D 197 -27.25 21.78 -6.69
CA ASN D 197 -25.99 22.26 -7.25
C ASN D 197 -24.90 22.52 -6.22
N VAL D 198 -25.07 22.03 -5.00
CA VAL D 198 -24.07 22.17 -3.95
C VAL D 198 -23.47 20.76 -3.82
N LYS D 199 -22.16 20.66 -4.05
CA LYS D 199 -21.48 19.39 -4.04
C LYS D 199 -20.32 19.28 -3.04
N VAL D 200 -19.88 18.04 -2.82
CA VAL D 200 -18.73 17.80 -1.97
C VAL D 200 -17.48 17.76 -2.85
N LEU D 202 -13.27 16.64 -2.74
CA LEU D 202 -12.17 15.98 -2.05
C LEU D 202 -10.83 16.38 -2.71
N ASP D 203 -9.77 16.24 -1.93
CA ASP D 203 -8.41 16.60 -2.31
C ASP D 203 -7.50 15.53 -1.67
N THR D 204 -6.73 14.81 -2.49
CA THR D 204 -5.87 13.75 -1.98
C THR D 204 -4.89 14.18 -0.91
N PHE D 205 -4.35 15.40 -1.03
CA PHE D 205 -3.44 15.91 -0.01
C PHE D 205 -4.13 15.97 1.36
N HIS D 206 -5.37 16.43 1.38
CA HIS D 206 -6.12 16.53 2.63
C HIS D 206 -6.66 15.18 3.11
N ASN D 208 -5.22 12.43 2.67
CA ASN D 208 -4.05 11.71 3.18
C ASN D 208 -3.85 11.92 4.66
N ILE D 209 -4.33 13.03 5.18
CA ILE D 209 -4.18 13.27 6.59
C ILE D 209 -5.37 12.75 7.39
N GLU D 210 -6.57 13.20 7.05
CA GLU D 210 -7.77 12.87 7.79
C GLU D 210 -8.52 11.54 7.59
N GLU D 211 -8.53 11.02 6.36
CA GLU D 211 -9.29 9.82 6.08
C GLU D 211 -8.76 8.51 6.58
N ASP D 212 -9.68 7.63 6.93
CA ASP D 212 -9.32 6.30 7.38
C ASP D 212 -8.95 5.56 6.10
N SER D 213 -9.67 5.84 5.01
CA SER D 213 -9.39 5.18 3.73
C SER D 213 -9.74 6.02 2.49
N PHE D 214 -8.81 6.11 1.55
CA PHE D 214 -9.03 6.87 0.33
C PHE D 214 -10.24 6.35 -0.43
N GLY D 215 -10.29 5.03 -0.64
CA GLY D 215 -11.41 4.47 -1.37
C GLY D 215 -12.76 4.71 -0.71
N ASP D 216 -12.83 4.52 0.61
CA ASP D 216 -14.08 4.73 1.33
C ASP D 216 -14.49 6.19 1.30
N ALA D 217 -13.54 7.09 1.53
CA ALA D 217 -13.85 8.52 1.49
C ALA D 217 -14.52 8.84 0.14
N ILE D 218 -13.93 8.39 -0.96
CA ILE D 218 -14.51 8.67 -2.26
C ILE D 218 -15.90 8.03 -2.43
N ARG D 219 -16.05 6.80 -1.93
CA ARG D 219 -17.33 6.11 -2.03
C ARG D 219 -18.39 6.81 -1.15
N THR D 220 -17.97 7.28 0.00
CA THR D 220 -18.86 8.00 0.89
C THR D 220 -19.39 9.23 0.14
N ALA D 221 -18.54 9.94 -0.59
CA ALA D 221 -19.05 11.10 -1.32
C ALA D 221 -19.99 10.67 -2.47
N GLY D 222 -19.70 9.53 -3.09
CA GLY D 222 -20.53 9.03 -4.17
C GLY D 222 -21.08 10.08 -5.13
N PRO D 223 -22.41 10.10 -5.31
CA PRO D 223 -23.11 11.04 -6.20
C PRO D 223 -22.90 12.50 -5.85
N LEU D 224 -22.43 12.78 -4.65
CA LEU D 224 -22.24 14.16 -4.24
C LEU D 224 -20.85 14.75 -4.55
N LEU D 225 -19.95 13.90 -5.04
CA LEU D 225 -18.61 14.36 -5.36
C LEU D 225 -18.66 15.26 -6.59
N GLY D 226 -18.40 16.56 -6.43
CA GLY D 226 -18.47 17.45 -7.57
C GLY D 226 -17.17 17.98 -8.17
N HIS D 227 -16.09 17.91 -7.40
CA HIS D 227 -14.79 18.39 -7.87
C HIS D 227 -13.75 17.58 -7.06
N PHE D 228 -12.55 17.40 -7.64
CA PHE D 228 -11.53 16.59 -7.01
C PHE D 228 -10.15 17.21 -7.25
N HIS D 229 -9.34 17.31 -6.20
CA HIS D 229 -7.97 17.86 -6.28
C HIS D 229 -6.94 16.76 -6.00
N THR D 230 -5.84 16.76 -6.76
CA THR D 230 -4.82 15.75 -6.60
C THR D 230 -3.40 16.30 -6.39
N GLY D 231 -2.58 15.51 -5.70
CA GLY D 231 -1.21 15.84 -5.39
C GLY D 231 -0.66 14.77 -4.44
N GLU D 232 0.66 14.65 -4.32
CA GLU D 232 1.24 13.65 -3.43
C GLU D 232 1.12 14.18 -1.99
N SER D 233 1.47 13.36 -1.00
CA SER D 233 1.33 13.78 0.37
C SER D 233 1.99 15.12 0.69
N ASN D 234 3.07 15.47 -0.02
CA ASN D 234 3.77 16.74 0.22
C ASN D 234 3.55 17.74 -0.92
N ARG D 235 2.51 17.50 -1.71
CA ARG D 235 2.12 18.43 -2.77
C ARG D 235 2.88 18.44 -4.11
N ARG D 236 3.59 17.35 -4.40
CA ARG D 236 4.30 17.25 -5.67
C ARG D 236 3.26 16.76 -6.72
N VAL D 237 3.63 16.77 -7.99
CA VAL D 237 2.67 16.33 -9.01
C VAL D 237 2.29 14.86 -8.84
N PRO D 238 1.05 14.49 -9.15
CA PRO D 238 0.68 13.09 -8.99
C PRO D 238 1.64 12.19 -9.73
N GLY D 239 1.95 11.03 -9.16
CA GLY D 239 2.85 10.11 -9.84
C GLY D 239 4.26 10.12 -9.27
N LYS D 240 4.59 11.18 -8.56
CA LYS D 240 5.89 11.33 -7.95
C LYS D 240 5.99 10.56 -6.64
N GLY D 241 4.85 10.27 -5.99
CA GLY D 241 4.90 9.62 -4.71
C GLY D 241 4.17 8.32 -4.45
N ARG D 242 4.00 8.01 -3.17
CA ARG D 242 3.38 6.80 -2.69
C ARG D 242 1.86 6.84 -2.56
N PRO D 244 -1.94 6.14 -3.08
CA PRO D 244 -2.60 4.95 -3.65
C PRO D 244 -3.42 5.31 -4.90
N TRP D 245 -2.75 5.71 -5.97
CA TRP D 245 -3.45 6.11 -7.17
C TRP D 245 -4.37 5.05 -7.75
N HIS D 246 -3.91 3.80 -7.77
CA HIS D 246 -4.73 2.71 -8.31
C HIS D 246 -6.03 2.64 -7.54
N GLU D 247 -5.94 2.69 -6.21
CA GLU D 247 -7.13 2.64 -5.36
C GLU D 247 -8.04 3.85 -5.65
N ILE D 248 -7.44 5.04 -5.70
CA ILE D 248 -8.20 6.25 -5.97
C ILE D 248 -8.89 6.15 -7.31
N GLY D 249 -8.22 5.58 -8.32
CA GLY D 249 -8.84 5.45 -9.62
C GLY D 249 -10.06 4.53 -9.66
N LEU D 250 -10.00 3.42 -8.92
CA LEU D 250 -11.10 2.47 -8.90
C LEU D 250 -12.32 3.09 -8.24
N ALA D 251 -12.11 3.72 -7.09
CA ALA D 251 -13.20 4.37 -6.38
C ALA D 251 -13.87 5.45 -7.27
N LEU D 252 -13.07 6.28 -7.93
CA LEU D 252 -13.65 7.32 -8.79
C LEU D 252 -14.52 6.69 -9.89
N ARG D 253 -14.07 5.58 -10.43
CA ARG D 253 -14.83 4.93 -11.48
C ARG D 253 -16.03 4.20 -10.92
N ASP D 254 -15.88 3.69 -9.71
CA ASP D 254 -16.97 2.97 -9.09
C ASP D 254 -18.17 3.90 -8.89
N ILE D 255 -17.89 5.15 -8.51
CA ILE D 255 -18.97 6.12 -8.31
C ILE D 255 -19.30 6.90 -9.60
N ASN D 256 -18.81 6.39 -10.74
CA ASN D 256 -19.06 7.01 -12.03
C ASN D 256 -18.69 8.49 -12.06
N TYR D 257 -17.60 8.85 -11.37
CA TYR D 257 -17.18 10.24 -11.37
C TYR D 257 -16.82 10.64 -12.76
N THR D 258 -17.44 11.71 -13.23
CA THR D 258 -17.20 12.23 -14.56
C THR D 258 -16.86 13.73 -14.44
N GLY D 259 -16.63 14.16 -13.20
CA GLY D 259 -16.27 15.54 -12.98
C GLY D 259 -14.82 15.81 -13.32
N ALA D 260 -14.29 16.91 -12.81
CA ALA D 260 -12.91 17.27 -13.06
C ALA D 260 -11.89 16.78 -12.02
N VAL D 261 -10.70 16.42 -12.49
CA VAL D 261 -9.62 16.00 -11.61
C VAL D 261 -8.50 17.06 -11.76
N ILE D 262 -8.39 17.96 -10.79
CA ILE D 262 -7.40 19.04 -10.89
C ILE D 262 -6.17 18.82 -10.02
N GLU D 264 -3.10 19.91 -8.04
CA GLU D 264 -2.78 21.16 -7.41
C GLU D 264 -1.43 21.03 -6.70
N PRO D 265 -0.34 20.91 -7.47
CA PRO D 265 0.97 20.78 -6.84
C PRO D 265 1.56 22.12 -6.46
N PHE D 266 2.28 22.13 -5.35
CA PHE D 266 2.94 23.33 -4.84
C PHE D 266 4.31 22.85 -4.42
N VAL D 267 5.29 23.06 -5.29
CA VAL D 267 6.65 22.62 -5.05
C VAL D 267 7.69 23.75 -4.94
N LYS D 268 7.22 25.00 -4.98
CA LYS D 268 8.11 26.17 -4.90
C LYS D 268 7.97 26.99 -3.62
N THR D 269 9.09 27.32 -3.01
CA THR D 269 9.13 28.13 -1.79
C THR D 269 9.05 29.61 -2.15
N GLY D 270 8.88 30.48 -1.15
CA GLY D 270 8.82 31.90 -1.40
C GLY D 270 7.48 32.45 -1.87
N GLY D 271 7.32 33.76 -1.69
CA GLY D 271 6.10 34.44 -2.09
C GLY D 271 4.97 34.13 -1.13
N THR D 272 3.79 34.64 -1.43
CA THR D 272 2.63 34.42 -0.59
C THR D 272 2.16 32.96 -0.60
N ILE D 273 2.23 32.34 -1.78
CA ILE D 273 1.82 30.95 -1.95
C ILE D 273 2.71 30.06 -1.08
N GLY D 274 4.02 30.31 -1.12
CA GLY D 274 4.94 29.53 -0.33
C GLY D 274 4.62 29.62 1.15
N SER D 275 4.20 30.81 1.56
CA SER D 275 3.86 31.09 2.95
C SER D 275 2.51 30.52 3.36
N ASP D 276 1.52 30.64 2.48
CA ASP D 276 0.19 30.13 2.80
C ASP D 276 0.09 28.62 2.68
N ILE D 277 0.81 28.04 1.72
CA ILE D 277 0.77 26.60 1.54
C ILE D 277 1.86 25.94 2.36
N LYS D 278 2.68 26.78 3.00
CA LYS D 278 3.76 26.31 3.86
C LYS D 278 4.74 25.41 3.14
N VAL D 279 5.29 25.92 2.04
CA VAL D 279 6.28 25.18 1.26
C VAL D 279 7.57 25.77 1.81
N TRP D 280 8.19 25.07 2.75
CA TRP D 280 9.41 25.55 3.40
C TRP D 280 10.69 25.02 2.73
N ARG D 281 10.55 24.19 1.71
CA ARG D 281 11.72 23.68 1.01
C ARG D 281 11.30 23.45 -0.42
N ASP D 282 12.27 23.41 -1.32
CA ASP D 282 11.97 23.19 -2.72
C ASP D 282 11.65 21.73 -2.93
N LEU D 283 10.61 21.45 -3.70
CA LEU D 283 10.24 20.07 -3.98
C LEU D 283 10.19 19.86 -5.50
N SER D 284 10.74 20.82 -6.25
CA SER D 284 10.76 20.72 -7.71
C SER D 284 12.08 20.13 -8.18
N GLY D 285 13.07 20.17 -7.29
CA GLY D 285 14.39 19.68 -7.64
C GLY D 285 15.11 20.74 -8.47
N GLY D 286 14.97 22.00 -8.07
CA GLY D 286 15.59 23.10 -8.80
C GLY D 286 15.12 23.18 -10.24
N ALA D 287 13.84 22.89 -10.45
CA ALA D 287 13.28 22.89 -11.77
C ALA D 287 13.05 24.27 -12.35
N ASP D 288 13.47 24.43 -13.60
CA ASP D 288 13.24 25.68 -14.30
C ASP D 288 11.88 25.48 -15.02
N ILE D 289 11.30 26.55 -15.55
CA ILE D 289 9.99 26.46 -16.20
C ILE D 289 9.86 25.24 -17.11
N ALA D 290 10.85 24.96 -17.94
CA ALA D 290 10.74 23.81 -18.84
C ALA D 290 10.59 22.48 -18.08
N LYS D 291 11.30 22.35 -16.96
CA LYS D 291 11.22 21.13 -16.14
C LYS D 291 9.82 21.05 -15.46
N ASP D 293 7.07 22.12 -16.56
CA ASP D 293 6.13 21.71 -17.57
C ASP D 293 6.26 20.22 -17.90
N GLU D 294 7.48 19.70 -17.90
CA GLU D 294 7.67 18.29 -18.19
C GLU D 294 6.98 17.53 -17.06
N ASP D 295 7.28 17.89 -15.82
CA ASP D 295 6.65 17.24 -14.68
C ASP D 295 5.13 17.28 -14.81
N ALA D 296 4.58 18.43 -15.19
CA ALA D 296 3.15 18.57 -15.37
C ALA D 296 2.65 17.64 -16.48
N ARG D 297 3.33 17.66 -17.63
CA ARG D 297 2.93 16.77 -18.72
C ARG D 297 2.95 15.30 -18.29
N ASN D 298 4.00 14.88 -17.58
CA ASN D 298 4.09 13.48 -17.15
C ASN D 298 3.00 13.09 -16.14
N ALA D 299 2.72 13.99 -15.19
CA ALA D 299 1.70 13.74 -14.19
C ALA D 299 0.34 13.62 -14.85
N LEU D 300 0.14 14.37 -15.93
CA LEU D 300 -1.11 14.34 -16.70
C LEU D 300 -1.26 12.95 -17.36
N ALA D 301 -0.24 12.55 -18.11
CA ALA D 301 -0.23 11.25 -18.79
C ALA D 301 -0.52 10.19 -17.74
N PHE D 302 0.22 10.28 -16.63
CA PHE D 302 0.05 9.38 -15.51
C PHE D 302 -1.39 9.35 -14.99
N SER D 303 -1.96 10.52 -14.74
CA SER D 303 -3.33 10.61 -14.22
C SER D 303 -4.37 10.05 -15.18
N ARG D 304 -4.13 10.25 -16.47
CA ARG D 304 -5.07 9.75 -17.46
C ARG D 304 -5.03 8.24 -17.52
N PHE D 305 -3.83 7.69 -17.38
CA PHE D 305 -3.65 6.25 -17.43
C PHE D 305 -4.16 5.54 -16.18
N VAL D 306 -3.72 6.00 -15.01
CA VAL D 306 -4.11 5.37 -13.74
C VAL D 306 -5.50 5.75 -13.24
N LEU D 307 -5.85 7.03 -13.33
CA LEU D 307 -7.16 7.45 -12.86
C LEU D 307 -8.28 7.31 -13.88
N GLY D 308 -7.96 7.43 -15.16
CA GLY D 308 -9.00 7.33 -16.18
C GLY D 308 -9.07 8.62 -17.00
N GLY D 309 -9.89 8.62 -18.06
CA GLY D 309 -10.00 9.81 -18.90
C GLY D 309 -9.23 9.71 -20.22
#